data_3GRP
#
_entry.id   3GRP
#
_cell.length_a   59.279
_cell.length_b   71.738
_cell.length_c   111.521
_cell.angle_alpha   90.00
_cell.angle_beta   96.59
_cell.angle_gamma   90.00
#
_symmetry.space_group_name_H-M   'P 1 21 1'
#
loop_
_entity.id
_entity.type
_entity.pdbx_description
1 polymer '3-oxoacyl-(Acyl carrierprotein) reductase'
2 water water
#
_entity_poly.entity_id   1
_entity_poly.type   'polypeptide(L)'
_entity_poly.pdbx_seq_one_letter_code
;MAHHHHHHMGTLEAQTQGPGSMFKLTGRKALVTGATGGIGEAIARCFHAQGAIVGLHGTREDKLKEIAADLGKDVFVFSA
NLSDRKSIKQLAEVAEREMEGIDILVNNAGITRDGLFVRMQDQDWDDVLAVNLTAASTLTRELIHSMMRRRYGRIINITS
IVGVVGNPGQTNYCAAKAGLIGFSKALAQEIASRNITVNCIAPGFIKSAMTDKLNEKQKEAIMAMIPMKRMGIGEEIAFA
TVYLASDEAAYLTGQTLHINGGMAMI
;
_entity_poly.pdbx_strand_id   A,B,C,D
#
# COMPACT_ATOMS: atom_id res chain seq x y z
N SER A 21 -1.86 -12.39 32.38
CA SER A 21 -3.11 -11.62 32.16
C SER A 21 -2.98 -10.60 31.03
N MET A 22 -1.99 -10.79 30.16
CA MET A 22 -1.85 -9.93 28.97
C MET A 22 -2.75 -10.43 27.82
N PHE A 23 -3.43 -9.51 27.15
CA PHE A 23 -4.35 -9.81 26.04
C PHE A 23 -5.62 -10.56 26.49
N LYS A 24 -5.99 -10.41 27.75
CA LYS A 24 -7.23 -10.96 28.27
C LYS A 24 -8.41 -10.09 27.86
N LEU A 25 -9.57 -10.70 27.71
CA LEU A 25 -10.82 -10.03 27.32
C LEU A 25 -11.90 -10.18 28.40
N THR A 26 -11.46 -10.34 29.65
CA THR A 26 -12.34 -10.70 30.75
C THR A 26 -13.47 -9.74 30.89
N GLY A 27 -14.70 -10.23 30.79
CA GLY A 27 -15.85 -9.37 31.02
C GLY A 27 -16.26 -8.50 29.84
N ARG A 28 -15.49 -8.51 28.75
CA ARG A 28 -15.89 -7.79 27.55
C ARG A 28 -16.94 -8.59 26.79
N LYS A 29 -17.94 -7.88 26.28
CA LYS A 29 -18.98 -8.49 25.45
C LYS A 29 -18.62 -8.37 23.95
N ALA A 30 -18.67 -9.51 23.26
CA ALA A 30 -18.28 -9.58 21.86
C ALA A 30 -19.36 -10.25 21.08
N LEU A 31 -19.79 -9.62 19.99
CA LEU A 31 -20.66 -10.28 19.02
C LEU A 31 -19.83 -10.74 17.81
N VAL A 32 -19.93 -12.03 17.47
CA VAL A 32 -19.19 -12.64 16.34
C VAL A 32 -20.19 -13.16 15.29
N THR A 33 -20.17 -12.61 14.09
CA THR A 33 -21.04 -13.10 13.03
C THR A 33 -20.40 -14.30 12.32
N GLY A 34 -21.22 -15.06 11.59
CA GLY A 34 -20.74 -16.27 10.90
C GLY A 34 -19.99 -17.22 11.83
N ALA A 35 -20.51 -17.42 13.04
CA ALA A 35 -19.78 -18.15 14.08
C ALA A 35 -19.99 -19.66 14.11
N THR A 36 -20.79 -20.20 13.19
CA THR A 36 -21.10 -21.65 13.17
C THR A 36 -20.03 -22.51 12.51
N GLY A 37 -19.19 -21.90 11.69
CA GLY A 37 -18.12 -22.63 11.03
C GLY A 37 -16.79 -21.88 11.04
N GLY A 38 -15.77 -22.58 10.54
CA GLY A 38 -14.43 -22.08 10.33
C GLY A 38 -13.87 -21.03 11.25
N ILE A 39 -13.53 -19.90 10.66
CA ILE A 39 -12.82 -18.84 11.33
C ILE A 39 -13.68 -18.28 12.45
N GLY A 40 -14.95 -18.00 12.13
CA GLY A 40 -15.93 -17.51 13.11
C GLY A 40 -16.01 -18.34 14.37
N GLU A 41 -16.06 -19.66 14.24
CA GLU A 41 -16.10 -20.53 15.41
C GLU A 41 -14.76 -20.47 16.18
N ALA A 42 -13.66 -20.40 15.44
CA ALA A 42 -12.35 -20.35 16.10
C ALA A 42 -12.18 -19.06 16.89
N ILE A 43 -12.68 -17.95 16.34
CA ILE A 43 -12.70 -16.66 17.03
C ILE A 43 -13.53 -16.75 18.30
N ALA A 44 -14.71 -17.36 18.18
CA ALA A 44 -15.62 -17.46 19.33
C ALA A 44 -14.99 -18.25 20.47
N ARG A 45 -14.32 -19.36 20.15
CA ARG A 45 -13.69 -20.19 21.19
C ARG A 45 -12.51 -19.49 21.82
N CYS A 46 -11.74 -18.81 20.98
CA CYS A 46 -10.60 -18.06 21.45
C CYS A 46 -11.02 -16.93 22.38
N PHE A 47 -12.05 -16.18 21.98
CA PHE A 47 -12.61 -15.12 22.80
C PHE A 47 -13.08 -15.65 24.15
N HIS A 48 -13.77 -16.79 24.13
CA HIS A 48 -14.32 -17.33 25.35
C HIS A 48 -13.16 -17.78 26.28
N ALA A 49 -12.12 -18.38 25.72
CA ALA A 49 -10.93 -18.78 26.47
C ALA A 49 -10.27 -17.57 27.14
N GLN A 50 -10.40 -16.38 26.57
CA GLN A 50 -9.78 -15.18 27.10
C GLN A 50 -10.68 -14.42 28.05
N GLY A 51 -11.81 -15.01 28.42
CA GLY A 51 -12.70 -14.39 29.37
C GLY A 51 -13.80 -13.49 28.83
N ALA A 52 -13.98 -13.47 27.51
CA ALA A 52 -15.06 -12.67 26.90
C ALA A 52 -16.40 -13.34 27.09
N ILE A 53 -17.43 -12.51 27.15
CA ILE A 53 -18.81 -12.93 27.06
C ILE A 53 -19.17 -12.84 25.59
N VAL A 54 -19.48 -13.97 24.97
CA VAL A 54 -19.58 -14.03 23.53
C VAL A 54 -20.99 -14.27 23.02
N GLY A 55 -21.37 -13.45 22.04
CA GLY A 55 -22.60 -13.61 21.29
C GLY A 55 -22.30 -14.24 19.94
N LEU A 56 -22.86 -15.43 19.70
CA LEU A 56 -22.64 -16.17 18.46
C LEU A 56 -23.80 -15.96 17.51
N HIS A 57 -23.52 -15.32 16.36
CA HIS A 57 -24.50 -15.26 15.30
C HIS A 57 -24.19 -16.30 14.22
N GLY A 58 -25.25 -16.86 13.66
CA GLY A 58 -25.16 -17.73 12.49
C GLY A 58 -26.54 -18.03 11.94
N THR A 59 -26.63 -18.99 11.02
CA THR A 59 -27.91 -19.39 10.44
C THR A 59 -28.35 -20.76 10.94
N ARG A 60 -27.39 -21.67 11.13
CA ARG A 60 -27.66 -22.98 11.72
C ARG A 60 -27.85 -22.87 13.25
N GLU A 61 -29.12 -22.77 13.68
CA GLU A 61 -29.50 -22.60 15.10
C GLU A 61 -28.96 -23.72 15.98
N ASP A 62 -28.95 -24.94 15.43
CA ASP A 62 -28.54 -26.14 16.17
C ASP A 62 -27.04 -26.25 16.28
N LYS A 63 -26.32 -25.84 15.23
CA LYS A 63 -24.87 -25.86 15.25
C LYS A 63 -24.39 -24.80 16.26
N LEU A 64 -25.08 -23.67 16.31
CA LEU A 64 -24.81 -22.62 17.31
C LEU A 64 -24.99 -23.12 18.75
N LYS A 65 -26.08 -23.85 18.99
CA LYS A 65 -26.35 -24.36 20.32
C LYS A 65 -25.31 -25.39 20.75
N GLU A 66 -24.80 -26.17 19.80
CA GLU A 66 -23.74 -27.14 20.09
C GLU A 66 -22.48 -26.46 20.58
N ILE A 67 -22.09 -25.40 19.88
CA ILE A 67 -20.93 -24.61 20.24
C ILE A 67 -21.14 -23.97 21.60
N ALA A 68 -22.33 -23.40 21.81
CA ALA A 68 -22.64 -22.73 23.07
C ALA A 68 -22.57 -23.72 24.23
N ALA A 69 -23.11 -24.92 24.02
CA ALA A 69 -23.10 -25.96 25.03
C ALA A 69 -21.67 -26.36 25.38
N ASP A 70 -20.83 -26.52 24.36
CA ASP A 70 -19.44 -26.88 24.57
C ASP A 70 -18.67 -25.82 25.37
N LEU A 71 -18.94 -24.55 25.09
CA LEU A 71 -18.28 -23.45 25.80
C LEU A 71 -18.80 -23.41 27.25
N GLY A 72 -20.11 -23.48 27.42
CA GLY A 72 -20.69 -23.81 28.72
C GLY A 72 -21.18 -22.68 29.61
N LYS A 73 -20.69 -21.46 29.38
CA LYS A 73 -21.04 -20.32 30.24
C LYS A 73 -20.72 -19.00 29.50
N ASP A 74 -21.48 -17.95 29.80
CA ASP A 74 -21.27 -16.61 29.21
C ASP A 74 -21.30 -16.62 27.67
N VAL A 75 -22.26 -17.34 27.13
CA VAL A 75 -22.49 -17.41 25.70
C VAL A 75 -23.95 -17.12 25.36
N PHE A 76 -24.17 -16.34 24.31
CA PHE A 76 -25.50 -16.06 23.77
C PHE A 76 -25.57 -16.45 22.29
N VAL A 77 -26.75 -16.86 21.86
CA VAL A 77 -26.92 -17.38 20.52
C VAL A 77 -28.01 -16.59 19.77
N PHE A 78 -27.70 -16.22 18.53
CA PHE A 78 -28.59 -15.40 17.70
C PHE A 78 -28.62 -15.91 16.25
N SER A 79 -29.81 -15.85 15.64
CA SER A 79 -29.99 -16.05 14.19
C SER A 79 -30.42 -14.76 13.49
N ALA A 80 -29.98 -14.59 12.24
CA ALA A 80 -30.39 -13.45 11.43
C ALA A 80 -29.89 -13.66 10.02
N ASN A 81 -30.70 -13.21 9.06
CA ASN A 81 -30.27 -13.15 7.66
C ASN A 81 -29.52 -11.85 7.37
N LEU A 82 -28.20 -11.93 7.23
CA LEU A 82 -27.38 -10.73 7.01
C LEU A 82 -27.50 -10.11 5.60
N SER A 83 -28.34 -10.68 4.74
CA SER A 83 -28.65 -10.07 3.44
C SER A 83 -29.92 -9.21 3.51
N ASP A 84 -30.60 -9.22 4.65
CA ASP A 84 -31.76 -8.38 4.87
C ASP A 84 -31.46 -7.28 5.89
N ARG A 85 -31.55 -6.02 5.45
CA ARG A 85 -31.21 -4.86 6.27
C ARG A 85 -32.00 -4.78 7.58
N LYS A 86 -33.32 -4.98 7.52
CA LYS A 86 -34.15 -4.93 8.72
C LYS A 86 -33.75 -6.03 9.72
N SER A 87 -33.42 -7.20 9.20
CA SER A 87 -32.95 -8.31 10.01
C SER A 87 -31.57 -8.04 10.67
N ILE A 88 -30.70 -7.30 10.00
CA ILE A 88 -29.41 -6.88 10.61
C ILE A 88 -29.68 -5.91 11.76
N LYS A 89 -30.57 -4.94 11.53
CA LYS A 89 -30.96 -3.97 12.57
C LYS A 89 -31.57 -4.64 13.80
N GLN A 90 -32.42 -5.63 13.55
CA GLN A 90 -33.01 -6.43 14.61
C GLN A 90 -31.94 -7.18 15.42
N LEU A 91 -30.99 -7.82 14.74
CA LEU A 91 -29.89 -8.52 15.42
C LEU A 91 -29.16 -7.59 16.40
N ALA A 92 -28.78 -6.41 15.90
CA ALA A 92 -28.12 -5.39 16.71
C ALA A 92 -28.92 -5.02 17.96
N GLU A 93 -30.21 -4.75 17.79
CA GLU A 93 -31.06 -4.39 18.92
C GLU A 93 -31.14 -5.50 19.96
N VAL A 94 -31.47 -6.71 19.51
CA VAL A 94 -31.69 -7.84 20.41
C VAL A 94 -30.38 -8.32 21.06
N ALA A 95 -29.28 -8.38 20.31
CA ALA A 95 -27.96 -8.70 20.90
C ALA A 95 -27.52 -7.69 21.97
N GLU A 96 -27.61 -6.40 21.66
CA GLU A 96 -27.23 -5.36 22.62
C GLU A 96 -28.09 -5.42 23.91
N ARG A 97 -29.38 -5.66 23.76
CA ARG A 97 -30.27 -5.76 24.93
C ARG A 97 -29.98 -7.01 25.77
N GLU A 98 -30.00 -8.19 25.13
CA GLU A 98 -29.67 -9.43 25.83
C GLU A 98 -28.29 -9.42 26.51
N MET A 99 -27.25 -8.98 25.78
CA MET A 99 -25.89 -8.97 26.32
C MET A 99 -25.60 -7.77 27.23
N GLU A 100 -26.53 -6.82 27.30
CA GLU A 100 -26.38 -5.61 28.11
C GLU A 100 -25.16 -4.79 27.68
N GLY A 101 -25.05 -4.56 26.37
CA GLY A 101 -23.96 -3.77 25.82
C GLY A 101 -22.99 -4.66 25.08
N ILE A 102 -22.54 -4.21 23.92
CA ILE A 102 -21.57 -4.91 23.13
C ILE A 102 -20.32 -4.05 22.98
N ASP A 103 -19.18 -4.57 23.43
CA ASP A 103 -17.88 -3.88 23.34
C ASP A 103 -17.08 -4.22 22.08
N ILE A 104 -17.26 -5.43 21.56
CA ILE A 104 -16.45 -5.95 20.45
C ILE A 104 -17.37 -6.51 19.40
N LEU A 105 -17.22 -6.01 18.17
CA LEU A 105 -17.90 -6.57 17.04
C LEU A 105 -16.91 -7.18 16.04
N VAL A 106 -17.11 -8.45 15.74
CA VAL A 106 -16.36 -9.14 14.73
C VAL A 106 -17.27 -9.48 13.58
N ASN A 107 -17.09 -8.74 12.49
CA ASN A 107 -17.81 -8.98 11.27
C ASN A 107 -17.05 -10.04 10.47
N ASN A 108 -17.56 -11.24 10.54
CA ASN A 108 -16.92 -12.40 9.94
C ASN A 108 -17.78 -13.01 8.85
N ALA A 109 -19.09 -12.96 9.04
CA ALA A 109 -20.00 -13.59 8.12
C ALA A 109 -19.66 -13.14 6.70
N GLY A 110 -19.95 -14.00 5.74
CA GLY A 110 -19.77 -13.64 4.35
C GLY A 110 -20.17 -14.80 3.46
N ILE A 111 -19.74 -14.73 2.22
CA ILE A 111 -19.78 -15.88 1.32
C ILE A 111 -18.39 -16.01 0.70
N THR A 112 -18.06 -17.23 0.25
CA THR A 112 -16.80 -17.49 -0.47
C THR A 112 -17.02 -17.44 -1.97
N VAL A 118 -28.05 -20.66 -16.21
CA VAL A 118 -27.39 -19.36 -16.30
C VAL A 118 -27.62 -18.58 -15.02
N ARG A 119 -26.53 -18.11 -14.41
CA ARG A 119 -26.64 -17.17 -13.29
C ARG A 119 -26.69 -15.73 -13.81
N MET A 120 -27.36 -14.86 -13.08
CA MET A 120 -27.47 -13.46 -13.47
C MET A 120 -26.25 -12.76 -12.87
N GLN A 121 -25.25 -12.47 -13.71
CA GLN A 121 -23.99 -11.91 -13.21
C GLN A 121 -24.19 -10.64 -12.40
N ASP A 122 -25.19 -9.85 -12.77
CA ASP A 122 -25.49 -8.62 -12.07
C ASP A 122 -25.98 -8.91 -10.66
N GLN A 123 -26.74 -9.99 -10.52
CA GLN A 123 -27.28 -10.39 -9.22
C GLN A 123 -26.17 -10.88 -8.34
N ASP A 124 -25.23 -11.61 -8.93
CA ASP A 124 -24.09 -12.08 -8.19
C ASP A 124 -23.24 -10.91 -7.69
N TRP A 125 -23.01 -9.91 -8.54
CA TRP A 125 -22.39 -8.65 -8.07
C TRP A 125 -23.16 -8.08 -6.87
N ASP A 126 -24.48 -7.91 -7.00
CA ASP A 126 -25.29 -7.29 -5.93
C ASP A 126 -25.23 -8.10 -4.64
N ASP A 127 -25.28 -9.41 -4.76
CA ASP A 127 -25.22 -10.30 -3.60
C ASP A 127 -23.88 -10.27 -2.87
N VAL A 128 -22.78 -10.27 -3.62
CA VAL A 128 -21.46 -10.22 -3.00
C VAL A 128 -21.25 -8.88 -2.26
N LEU A 129 -21.64 -7.78 -2.89
CA LEU A 129 -21.61 -6.49 -2.21
C LEU A 129 -22.52 -6.45 -0.97
N ALA A 130 -23.74 -6.96 -1.10
CA ALA A 130 -24.70 -6.94 0.01
C ALA A 130 -24.19 -7.73 1.21
N VAL A 131 -23.63 -8.90 0.95
CA VAL A 131 -23.24 -9.80 2.03
C VAL A 131 -21.83 -9.52 2.56
N ASN A 132 -20.90 -9.13 1.70
CA ASN A 132 -19.50 -8.97 2.11
C ASN A 132 -19.08 -7.52 2.43
N LEU A 133 -19.92 -6.54 2.10
CA LEU A 133 -19.61 -5.15 2.33
C LEU A 133 -20.74 -4.46 3.08
N THR A 134 -21.92 -4.42 2.48
CA THR A 134 -23.03 -3.69 3.08
C THR A 134 -23.45 -4.26 4.44
N ALA A 135 -23.49 -5.59 4.59
CA ALA A 135 -23.89 -6.22 5.86
C ALA A 135 -23.02 -5.77 7.04
N ALA A 136 -21.70 -5.74 6.84
CA ALA A 136 -20.74 -5.33 7.87
C ALA A 136 -20.92 -3.87 8.22
N SER A 137 -21.07 -3.03 7.20
CA SER A 137 -21.23 -1.59 7.45
C SER A 137 -22.55 -1.30 8.14
N THR A 138 -23.61 -2.01 7.76
CA THR A 138 -24.90 -1.85 8.44
C THR A 138 -24.86 -2.25 9.91
N LEU A 139 -24.33 -3.42 10.23
CA LEU A 139 -24.25 -3.87 11.62
C LEU A 139 -23.32 -2.96 12.45
N THR A 140 -22.17 -2.62 11.88
CA THR A 140 -21.25 -1.71 12.55
C THR A 140 -21.91 -0.38 12.92
N ARG A 141 -22.62 0.23 11.98
CA ARG A 141 -23.27 1.53 12.20
C ARG A 141 -24.35 1.47 13.28
N GLU A 142 -25.07 0.35 13.36
CA GLU A 142 -26.00 0.09 14.45
C GLU A 142 -25.33 0.01 15.83
N LEU A 143 -24.10 -0.47 15.90
CA LEU A 143 -23.51 -0.76 17.20
C LEU A 143 -22.51 0.28 17.73
N ILE A 144 -22.04 1.19 16.89
CA ILE A 144 -21.02 2.13 17.34
C ILE A 144 -21.56 3.26 18.23
N HIS A 145 -22.87 3.57 18.14
CA HIS A 145 -23.49 4.61 18.97
C HIS A 145 -23.27 4.34 20.45
N SER A 146 -23.68 3.17 20.91
CA SER A 146 -23.45 2.80 22.30
C SER A 146 -21.96 2.80 22.69
N MET A 147 -21.11 2.28 21.80
CA MET A 147 -19.66 2.29 22.02
C MET A 147 -19.13 3.72 22.16
N MET A 148 -19.60 4.60 21.28
CA MET A 148 -19.20 6.00 21.35
C MET A 148 -19.63 6.62 22.69
N ARG A 149 -20.79 6.22 23.19
CA ARG A 149 -21.30 6.72 24.49
C ARG A 149 -20.40 6.27 25.64
N ARG A 150 -19.89 5.04 25.55
CA ARG A 150 -19.05 4.51 26.61
C ARG A 150 -17.60 4.92 26.40
N ARG A 151 -17.31 5.57 25.27
CA ARG A 151 -15.96 5.95 24.86
C ARG A 151 -15.01 4.72 24.87
N TYR A 152 -15.49 3.61 24.33
CA TYR A 152 -14.72 2.39 24.24
C TYR A 152 -15.35 1.38 23.27
N GLY A 153 -14.51 0.76 22.44
CA GLY A 153 -15.00 -0.27 21.56
C GLY A 153 -13.97 -0.81 20.57
N ARG A 154 -14.34 -1.93 19.95
CA ARG A 154 -13.49 -2.62 18.96
C ARG A 154 -14.34 -3.11 17.83
N ILE A 155 -14.01 -2.68 16.63
CA ILE A 155 -14.62 -3.21 15.41
C ILE A 155 -13.53 -3.96 14.65
N ILE A 156 -13.78 -5.23 14.32
CA ILE A 156 -12.82 -6.04 13.63
C ILE A 156 -13.52 -6.72 12.47
N ASN A 157 -13.08 -6.41 11.25
CA ASN A 157 -13.68 -6.98 10.06
C ASN A 157 -12.79 -8.05 9.46
N ILE A 158 -13.31 -9.26 9.31
CA ILE A 158 -12.58 -10.35 8.71
C ILE A 158 -13.00 -10.37 7.25
N THR A 159 -12.06 -10.07 6.35
CA THR A 159 -12.39 -10.07 4.94
C THR A 159 -12.45 -11.51 4.40
N SER A 160 -12.99 -11.64 3.20
CA SER A 160 -13.06 -12.94 2.53
C SER A 160 -11.64 -13.40 2.13
N ILE A 161 -11.50 -14.70 1.94
CA ILE A 161 -10.20 -15.35 1.72
C ILE A 161 -9.73 -15.26 0.29
N GLY A 169 -14.18 -15.66 -10.95
CA GLY A 169 -15.27 -15.01 -10.19
C GLY A 169 -14.76 -14.14 -9.05
N GLN A 170 -13.45 -14.06 -8.94
CA GLN A 170 -12.79 -13.38 -7.84
C GLN A 170 -12.99 -11.86 -7.86
N THR A 171 -13.28 -11.31 -9.03
CA THR A 171 -13.34 -9.86 -9.18
C THR A 171 -14.42 -9.17 -8.31
N ASN A 172 -15.60 -9.77 -8.21
CA ASN A 172 -16.66 -9.28 -7.31
C ASN A 172 -16.22 -9.28 -5.85
N TYR A 173 -15.57 -10.37 -5.43
CA TYR A 173 -15.08 -10.50 -4.08
C TYR A 173 -13.96 -9.50 -3.76
N CYS A 174 -13.07 -9.27 -4.72
CA CYS A 174 -11.99 -8.31 -4.53
C CYS A 174 -12.53 -6.91 -4.32
N ALA A 175 -13.56 -6.56 -5.07
CA ALA A 175 -14.22 -5.27 -4.94
C ALA A 175 -14.85 -5.06 -3.58
N ALA A 176 -15.60 -6.09 -3.12
CA ALA A 176 -16.22 -6.03 -1.80
C ALA A 176 -15.18 -5.93 -0.68
N LYS A 177 -14.09 -6.67 -0.81
CA LYS A 177 -13.03 -6.70 0.19
C LYS A 177 -12.30 -5.35 0.24
N ALA A 178 -11.92 -4.84 -0.94
CA ALA A 178 -11.31 -3.52 -1.02
C ALA A 178 -12.26 -2.46 -0.43
N GLY A 179 -13.56 -2.60 -0.71
CA GLY A 179 -14.56 -1.68 -0.20
C GLY A 179 -14.69 -1.70 1.32
N LEU A 180 -14.67 -2.91 1.88
CA LEU A 180 -14.76 -3.10 3.33
C LEU A 180 -13.53 -2.48 3.98
N ILE A 181 -12.36 -2.71 3.40
CA ILE A 181 -11.13 -2.14 3.95
C ILE A 181 -11.21 -0.62 3.92
N GLY A 182 -11.77 -0.06 2.84
CA GLY A 182 -11.81 1.39 2.70
C GLY A 182 -12.84 1.96 3.66
N PHE A 183 -13.97 1.26 3.80
CA PHE A 183 -14.95 1.62 4.83
C PHE A 183 -14.30 1.62 6.23
N SER A 184 -13.52 0.59 6.53
CA SER A 184 -12.91 0.48 7.85
C SER A 184 -11.92 1.60 8.15
N LYS A 185 -11.06 1.92 7.18
CA LYS A 185 -10.07 2.99 7.35
C LYS A 185 -10.75 4.34 7.57
N ALA A 186 -11.80 4.64 6.80
CA ALA A 186 -12.54 5.90 6.98
C ALA A 186 -13.25 5.98 8.33
N LEU A 187 -13.97 4.93 8.70
CA LEU A 187 -14.66 4.89 9.97
C LEU A 187 -13.69 5.13 11.11
N ALA A 188 -12.52 4.49 11.01
CA ALA A 188 -11.49 4.58 12.04
C ALA A 188 -11.10 6.00 12.32
N GLN A 189 -11.02 6.83 11.27
CA GLN A 189 -10.74 8.26 11.42
C GLN A 189 -11.87 8.98 12.17
N GLU A 190 -13.09 8.59 11.84
CA GLU A 190 -14.31 9.21 12.35
C GLU A 190 -14.46 9.02 13.84
N ILE A 191 -14.08 7.84 14.36
CA ILE A 191 -14.38 7.50 15.73
C ILE A 191 -13.15 7.24 16.62
N ALA A 192 -11.95 7.46 16.10
CA ALA A 192 -10.72 7.34 16.89
C ALA A 192 -10.81 8.12 18.20
N SER A 193 -11.40 9.32 18.16
CA SER A 193 -11.44 10.19 19.38
C SER A 193 -12.35 9.66 20.49
N ARG A 194 -13.21 8.70 20.17
CA ARG A 194 -13.99 7.97 21.15
C ARG A 194 -13.37 6.64 21.60
N ASN A 195 -12.09 6.42 21.30
CA ASN A 195 -11.38 5.18 21.67
C ASN A 195 -12.09 3.90 21.21
N ILE A 196 -12.64 3.95 20.00
CA ILE A 196 -13.09 2.78 19.27
C ILE A 196 -12.08 2.56 18.14
N THR A 197 -11.45 1.39 18.12
CA THR A 197 -10.57 1.05 16.98
C THR A 197 -11.34 0.25 15.95
N VAL A 198 -10.93 0.41 14.70
CA VAL A 198 -11.52 -0.26 13.60
C VAL A 198 -10.37 -0.81 12.74
N ASN A 199 -10.35 -2.13 12.62
CA ASN A 199 -9.30 -2.83 11.92
C ASN A 199 -9.86 -4.01 11.13
N CYS A 200 -9.08 -4.46 10.15
CA CYS A 200 -9.41 -5.61 9.32
C CYS A 200 -8.35 -6.68 9.43
N ILE A 201 -8.78 -7.91 9.25
CA ILE A 201 -7.88 -9.02 9.04
C ILE A 201 -8.24 -9.59 7.69
N ALA A 202 -7.21 -9.70 6.83
CA ALA A 202 -7.31 -10.32 5.52
C ALA A 202 -6.57 -11.68 5.55
N PRO A 203 -7.31 -12.78 5.72
CA PRO A 203 -6.65 -14.08 5.69
C PRO A 203 -6.18 -14.48 4.31
N GLY A 204 -5.10 -15.25 4.27
CA GLY A 204 -4.67 -15.89 3.04
C GLY A 204 -5.40 -17.21 2.97
N PHE A 205 -4.74 -18.24 2.44
CA PHE A 205 -5.36 -19.55 2.34
C PHE A 205 -5.39 -20.23 3.70
N ILE A 206 -6.60 -20.47 4.19
CA ILE A 206 -6.82 -21.09 5.47
C ILE A 206 -7.47 -22.46 5.23
N LYS A 207 -6.98 -23.48 5.93
CA LYS A 207 -7.50 -24.84 5.80
C LYS A 207 -9.00 -24.92 6.12
N SER A 208 -9.73 -25.64 5.27
CA SER A 208 -11.17 -25.85 5.43
C SER A 208 -11.61 -27.05 4.60
N ALA A 209 -12.92 -27.35 4.66
CA ALA A 209 -13.50 -28.41 3.83
C ALA A 209 -13.15 -28.14 2.38
N MET A 210 -13.25 -26.87 1.97
CA MET A 210 -12.99 -26.50 0.59
C MET A 210 -11.54 -26.76 0.14
N THR A 211 -10.56 -26.34 0.94
CA THR A 211 -9.15 -26.57 0.57
C THR A 211 -8.78 -28.04 0.69
N ASP A 212 -9.36 -28.73 1.67
CA ASP A 212 -9.13 -30.16 1.85
C ASP A 212 -9.44 -30.95 0.57
N LYS A 213 -10.38 -30.45 -0.24
CA LYS A 213 -10.81 -31.11 -1.50
C LYS A 213 -9.88 -30.91 -2.69
N LEU A 214 -8.92 -29.98 -2.60
CA LEU A 214 -8.07 -29.68 -3.75
C LEU A 214 -7.27 -30.91 -4.20
N ASN A 215 -7.20 -31.12 -5.51
CA ASN A 215 -6.41 -32.22 -6.04
C ASN A 215 -4.93 -31.88 -6.02
N GLU A 216 -4.10 -32.83 -6.43
CA GLU A 216 -2.65 -32.64 -6.39
C GLU A 216 -2.15 -31.36 -7.05
N LYS A 217 -2.53 -31.13 -8.30
CA LYS A 217 -2.00 -29.97 -9.04
C LYS A 217 -2.59 -28.66 -8.51
N GLN A 218 -3.85 -28.67 -8.13
CA GLN A 218 -4.46 -27.47 -7.52
C GLN A 218 -3.69 -27.13 -6.25
N LYS A 219 -3.53 -28.13 -5.39
CA LYS A 219 -2.76 -28.00 -4.15
C LYS A 219 -1.36 -27.49 -4.41
N GLU A 220 -0.63 -28.12 -5.34
CA GLU A 220 0.74 -27.66 -5.62
C GLU A 220 0.78 -26.23 -6.18
N ALA A 221 -0.23 -25.85 -6.97
CA ALA A 221 -0.34 -24.49 -7.49
C ALA A 221 -0.54 -23.45 -6.38
N ILE A 222 -1.36 -23.79 -5.38
CA ILE A 222 -1.58 -22.91 -4.25
C ILE A 222 -0.33 -22.79 -3.37
N MET A 223 0.35 -23.91 -3.09
CA MET A 223 1.57 -23.89 -2.28
C MET A 223 2.68 -23.03 -2.90
N ALA A 224 2.76 -23.03 -4.22
CA ALA A 224 3.75 -22.21 -4.92
C ALA A 224 3.51 -20.71 -4.72
N MET A 225 2.30 -20.32 -4.35
CA MET A 225 1.98 -18.91 -4.08
C MET A 225 2.31 -18.50 -2.65
N ILE A 226 2.61 -19.46 -1.79
CA ILE A 226 2.73 -19.21 -0.36
C ILE A 226 4.18 -19.45 0.06
N PRO A 227 4.93 -18.37 0.36
CA PRO A 227 6.34 -18.54 0.72
C PRO A 227 6.55 -19.49 1.91
N MET A 228 5.64 -19.46 2.87
CA MET A 228 5.74 -20.30 4.03
C MET A 228 5.44 -21.78 3.69
N LYS A 229 4.92 -22.05 2.51
CA LYS A 229 4.63 -23.42 2.04
C LYS A 229 3.72 -24.22 2.96
N ARG A 230 2.77 -23.52 3.58
CA ARG A 230 1.71 -24.18 4.30
C ARG A 230 0.48 -23.25 4.27
N MET A 231 -0.69 -23.85 4.47
CA MET A 231 -1.90 -23.08 4.67
C MET A 231 -1.98 -22.71 6.14
N GLY A 232 -2.67 -21.62 6.44
CA GLY A 232 -2.90 -21.24 7.83
C GLY A 232 -4.03 -22.10 8.39
N ILE A 233 -4.29 -21.94 9.69
CA ILE A 233 -5.46 -22.54 10.29
C ILE A 233 -6.31 -21.45 10.93
N GLY A 234 -7.60 -21.72 11.10
CA GLY A 234 -8.54 -20.74 11.60
C GLY A 234 -8.15 -20.14 12.94
N GLU A 235 -7.48 -20.92 13.79
CA GLU A 235 -7.06 -20.38 15.08
C GLU A 235 -6.01 -19.28 14.94
N GLU A 236 -5.25 -19.31 13.86
CA GLU A 236 -4.28 -18.26 13.60
C GLU A 236 -4.96 -16.91 13.35
N ILE A 237 -6.09 -16.93 12.64
CA ILE A 237 -6.91 -15.73 12.50
C ILE A 237 -7.50 -15.34 13.82
N ALA A 238 -7.98 -16.32 14.58
CA ALA A 238 -8.55 -16.02 15.89
C ALA A 238 -7.54 -15.31 16.80
N PHE A 239 -6.29 -15.78 16.83
CA PHE A 239 -5.30 -15.17 17.73
C PHE A 239 -5.12 -13.70 17.40
N ALA A 240 -5.06 -13.39 16.12
CA ALA A 240 -4.97 -12.00 15.66
C ALA A 240 -6.20 -11.17 16.08
N THR A 241 -7.38 -11.79 16.07
CA THR A 241 -8.61 -11.06 16.49
C THR A 241 -8.58 -10.75 17.99
N VAL A 242 -8.10 -11.71 18.77
CA VAL A 242 -7.87 -11.49 20.17
C VAL A 242 -6.90 -10.33 20.37
N TYR A 243 -5.80 -10.36 19.66
CA TYR A 243 -4.86 -9.24 19.75
C TYR A 243 -5.54 -7.86 19.51
N LEU A 244 -6.24 -7.73 18.38
CA LEU A 244 -6.88 -6.47 18.04
C LEU A 244 -7.98 -6.09 19.05
N ALA A 245 -8.73 -7.06 19.56
CA ALA A 245 -9.81 -6.76 20.49
C ALA A 245 -9.29 -6.31 21.86
N SER A 246 -8.05 -6.67 22.19
CA SER A 246 -7.53 -6.47 23.55
C SER A 246 -7.30 -4.98 23.84
N ASP A 247 -7.22 -4.64 25.12
CA ASP A 247 -6.83 -3.30 25.57
C ASP A 247 -5.41 -2.92 25.13
N GLU A 248 -4.55 -3.92 24.96
CA GLU A 248 -3.17 -3.73 24.48
C GLU A 248 -3.03 -3.16 23.05
N ALA A 249 -4.11 -3.22 22.26
CA ALA A 249 -4.12 -2.73 20.89
C ALA A 249 -4.96 -1.47 20.72
N ALA A 250 -5.12 -0.73 21.80
CA ALA A 250 -5.90 0.50 21.83
C ALA A 250 -5.35 1.59 20.90
N TYR A 251 -4.05 1.58 20.61
CA TYR A 251 -3.47 2.65 19.75
C TYR A 251 -3.35 2.22 18.28
N LEU A 252 -3.87 1.05 17.99
CA LEU A 252 -3.78 0.46 16.66
C LEU A 252 -5.14 0.55 16.01
N THR A 253 -5.26 1.37 14.99
CA THR A 253 -6.53 1.51 14.29
C THR A 253 -6.31 1.86 12.84
N GLY A 254 -7.29 1.52 12.02
CA GLY A 254 -7.25 1.82 10.59
C GLY A 254 -6.33 0.87 9.83
N GLN A 255 -6.06 -0.30 10.39
CA GLN A 255 -5.05 -1.20 9.84
C GLN A 255 -5.68 -2.46 9.30
N THR A 256 -4.98 -3.09 8.37
CA THR A 256 -5.34 -4.42 7.90
C THR A 256 -4.20 -5.35 8.24
N LEU A 257 -4.46 -6.41 9.00
CA LEU A 257 -3.44 -7.44 9.22
C LEU A 257 -3.61 -8.49 8.15
N HIS A 258 -2.59 -8.69 7.32
CA HIS A 258 -2.63 -9.70 6.27
C HIS A 258 -1.97 -10.94 6.83
N ILE A 259 -2.76 -11.99 7.06
CA ILE A 259 -2.26 -13.19 7.70
C ILE A 259 -2.27 -14.31 6.67
N ASN A 260 -1.18 -14.41 5.91
CA ASN A 260 -1.22 -15.12 4.65
C ASN A 260 0.06 -15.90 4.29
N GLY A 261 0.90 -16.13 5.30
CA GLY A 261 2.18 -16.82 5.13
C GLY A 261 3.16 -16.19 4.16
N GLY A 262 3.11 -14.86 4.00
CA GLY A 262 4.01 -14.13 3.10
C GLY A 262 3.47 -13.82 1.71
N MET A 263 2.22 -14.15 1.47
CA MET A 263 1.62 -14.05 0.14
C MET A 263 1.51 -12.61 -0.36
N SER B 21 -1.09 -21.20 28.19
CA SER B 21 -1.57 -19.79 28.17
C SER B 21 -1.17 -19.10 26.87
N MET B 22 -1.99 -18.13 26.48
CA MET B 22 -1.91 -17.52 25.15
C MET B 22 -0.89 -16.36 25.12
N PHE B 23 -0.11 -16.29 24.04
CA PHE B 23 0.89 -15.23 23.79
C PHE B 23 2.11 -15.25 24.73
N LYS B 24 2.39 -16.40 25.32
CA LYS B 24 3.58 -16.55 26.16
C LYS B 24 4.82 -16.76 25.30
N LEU B 25 5.96 -16.34 25.85
CA LEU B 25 7.25 -16.50 25.19
C LEU B 25 8.16 -17.40 26.06
N THR B 26 7.54 -18.25 26.88
CA THR B 26 8.24 -19.15 27.80
C THR B 26 9.32 -19.93 27.10
N GLY B 27 10.55 -19.78 27.58
CA GLY B 27 11.69 -20.53 27.07
C GLY B 27 12.44 -19.94 25.87
N ARG B 28 11.84 -18.94 25.21
CA ARG B 28 12.45 -18.35 24.04
C ARG B 28 13.51 -17.35 24.43
N LYS B 29 14.59 -17.32 23.68
CA LYS B 29 15.69 -16.41 23.96
C LYS B 29 15.53 -15.21 23.06
N ALA B 30 15.56 -14.02 23.66
CA ALA B 30 15.29 -12.79 22.91
C ALA B 30 16.40 -11.78 23.12
N LEU B 31 16.91 -11.22 22.04
CA LEU B 31 17.88 -10.11 22.11
C LEU B 31 17.17 -8.83 21.71
N VAL B 32 17.20 -7.85 22.61
CA VAL B 32 16.60 -6.55 22.38
C VAL B 32 17.66 -5.47 22.34
N THR B 33 17.79 -4.80 21.20
CA THR B 33 18.76 -3.71 21.06
C THR B 33 18.15 -2.36 21.46
N GLY B 34 18.98 -1.40 21.85
CA GLY B 34 18.49 -0.11 22.38
C GLY B 34 17.56 -0.28 23.56
N ALA B 35 17.93 -1.19 24.46
CA ALA B 35 17.05 -1.58 25.55
C ALA B 35 17.15 -0.66 26.78
N THR B 36 18.05 0.33 26.76
CA THR B 36 18.27 1.17 27.95
C THR B 36 17.19 2.21 28.20
N GLY B 37 16.46 2.60 27.18
CA GLY B 37 15.38 3.56 27.36
C GLY B 37 14.12 3.23 26.56
N GLY B 38 13.07 4.00 26.85
CA GLY B 38 11.84 4.06 26.08
C GLY B 38 11.21 2.74 25.65
N ILE B 39 11.11 2.58 24.34
CA ILE B 39 10.43 1.45 23.76
C ILE B 39 11.23 0.17 24.02
N GLY B 40 12.55 0.26 23.88
CA GLY B 40 13.43 -0.88 24.11
C GLY B 40 13.27 -1.47 25.50
N GLU B 41 13.30 -0.62 26.52
CA GLU B 41 13.15 -1.07 27.88
C GLU B 41 11.78 -1.71 28.10
N ALA B 42 10.74 -1.08 27.56
CA ALA B 42 9.37 -1.60 27.67
C ALA B 42 9.23 -2.96 27.01
N ILE B 43 9.85 -3.13 25.85
CA ILE B 43 9.87 -4.42 25.17
C ILE B 43 10.52 -5.48 26.06
N ALA B 44 11.68 -5.15 26.60
CA ALA B 44 12.41 -6.08 27.48
C ALA B 44 11.58 -6.49 28.70
N ARG B 45 10.94 -5.52 29.35
CA ARG B 45 10.14 -5.83 30.55
C ARG B 45 8.93 -6.68 30.20
N CYS B 46 8.28 -6.35 29.08
CA CYS B 46 7.13 -7.10 28.65
C CYS B 46 7.55 -8.53 28.22
N PHE B 47 8.63 -8.66 27.46
CA PHE B 47 9.19 -9.99 27.13
C PHE B 47 9.45 -10.84 28.40
N HIS B 48 10.13 -10.26 29.39
CA HIS B 48 10.47 -10.98 30.65
C HIS B 48 9.22 -11.44 31.38
N ALA B 49 8.23 -10.55 31.47
CA ALA B 49 6.96 -10.85 32.11
C ALA B 49 6.25 -12.02 31.41
N GLN B 50 6.44 -12.17 30.10
CA GLN B 50 5.82 -13.24 29.33
C GLN B 50 6.64 -14.54 29.25
N GLY B 51 7.71 -14.62 30.05
CA GLY B 51 8.50 -15.84 30.16
C GLY B 51 9.74 -15.97 29.27
N ALA B 52 10.09 -14.92 28.50
CA ALA B 52 11.27 -14.97 27.63
C ALA B 52 12.56 -14.84 28.43
N ILE B 53 13.61 -15.51 27.98
CA ILE B 53 14.96 -15.30 28.49
C ILE B 53 15.53 -14.13 27.68
N VAL B 54 15.82 -13.02 28.36
CA VAL B 54 16.06 -11.73 27.72
C VAL B 54 17.52 -11.25 27.76
N GLY B 55 18.02 -10.84 26.60
CA GLY B 55 19.34 -10.24 26.44
C GLY B 55 19.17 -8.79 26.07
N LEU B 56 19.72 -7.92 26.91
CA LEU B 56 19.60 -6.48 26.75
C LEU B 56 20.85 -5.97 26.09
N HIS B 57 20.69 -5.30 24.95
CA HIS B 57 21.77 -4.52 24.38
C HIS B 57 21.60 -3.03 24.66
N GLY B 58 22.72 -2.33 24.81
CA GLY B 58 22.72 -0.88 24.91
C GLY B 58 24.13 -0.32 24.86
N THR B 59 24.29 0.96 25.16
CA THR B 59 25.62 1.56 25.25
C THR B 59 26.00 1.89 26.68
N ARG B 60 25.04 2.41 27.45
CA ARG B 60 25.27 2.77 28.85
C ARG B 60 25.13 1.53 29.73
N GLU B 61 26.28 0.94 30.06
CA GLU B 61 26.37 -0.29 30.85
C GLU B 61 25.61 -0.20 32.18
N ASP B 62 25.71 0.95 32.84
CA ASP B 62 25.04 1.16 34.13
C ASP B 62 23.52 1.08 34.02
N LYS B 63 22.95 1.68 32.97
CA LYS B 63 21.51 1.60 32.78
C LYS B 63 21.06 0.17 32.52
N LEU B 64 21.85 -0.56 31.74
CA LEU B 64 21.59 -1.98 31.49
C LEU B 64 21.48 -2.75 32.81
N LYS B 65 22.41 -2.50 33.73
CA LYS B 65 22.44 -3.22 35.00
C LYS B 65 21.24 -2.84 35.88
N GLU B 66 20.83 -1.58 35.82
CA GLU B 66 19.65 -1.10 36.57
C GLU B 66 18.38 -1.82 36.10
N ILE B 67 18.20 -1.94 34.79
CA ILE B 67 17.05 -2.65 34.24
C ILE B 67 17.15 -4.15 34.55
N ALA B 68 18.33 -4.73 34.34
CA ALA B 68 18.54 -6.15 34.59
C ALA B 68 18.24 -6.47 36.04
N ALA B 69 18.70 -5.61 36.93
CA ALA B 69 18.49 -5.79 38.37
C ALA B 69 17.00 -5.80 38.72
N ASP B 70 16.22 -4.96 38.04
CA ASP B 70 14.77 -4.93 38.26
C ASP B 70 14.09 -6.23 37.82
N LEU B 71 14.51 -6.77 36.68
CA LEU B 71 13.93 -8.03 36.15
C LEU B 71 14.45 -9.25 36.94
N GLY B 72 15.72 -9.21 37.30
CA GLY B 72 16.29 -10.17 38.24
C GLY B 72 16.98 -11.33 37.54
N LYS B 73 16.22 -12.39 37.30
CA LYS B 73 16.75 -13.63 36.73
C LYS B 73 16.34 -13.75 35.27
N ASP B 74 17.09 -14.52 34.51
CA ASP B 74 16.85 -14.69 33.08
C ASP B 74 17.17 -13.42 32.30
N VAL B 75 18.17 -12.66 32.75
CA VAL B 75 18.55 -11.46 32.01
C VAL B 75 20.04 -11.40 31.72
N PHE B 76 20.38 -11.13 30.46
CA PHE B 76 21.76 -10.93 30.02
C PHE B 76 21.97 -9.50 29.60
N VAL B 77 23.20 -9.02 29.74
CA VAL B 77 23.56 -7.65 29.42
C VAL B 77 24.75 -7.62 28.45
N PHE B 78 24.59 -6.87 27.36
CA PHE B 78 25.64 -6.72 26.36
C PHE B 78 25.76 -5.26 25.98
N SER B 79 27.00 -4.77 25.95
CA SER B 79 27.29 -3.43 25.43
C SER B 79 28.02 -3.51 24.10
N ALA B 80 27.65 -2.64 23.16
CA ALA B 80 28.30 -2.60 21.86
C ALA B 80 27.88 -1.38 21.05
N ASN B 81 28.82 -0.80 20.32
CA ASN B 81 28.51 0.29 19.40
C ASN B 81 27.91 -0.30 18.13
N LEU B 82 26.66 0.03 17.84
CA LEU B 82 26.02 -0.40 16.61
C LEU B 82 26.44 0.43 15.38
N SER B 83 27.43 1.30 15.56
CA SER B 83 27.96 2.15 14.50
C SER B 83 29.14 1.50 13.77
N ASP B 84 29.75 0.49 14.40
CA ASP B 84 30.82 -0.28 13.78
C ASP B 84 30.34 -1.68 13.39
N ARG B 85 30.54 -2.04 12.12
CA ARG B 85 30.14 -3.37 11.63
C ARG B 85 30.81 -4.50 12.41
N LYS B 86 32.13 -4.44 12.58
CA LYS B 86 32.84 -5.46 13.36
C LYS B 86 32.26 -5.58 14.77
N SER B 87 31.85 -4.45 15.33
CA SER B 87 31.25 -4.42 16.66
C SER B 87 29.86 -5.08 16.66
N ILE B 88 29.10 -4.92 15.58
CA ILE B 88 27.80 -5.58 15.45
C ILE B 88 28.00 -7.09 15.32
N LYS B 89 28.98 -7.49 14.52
CA LYS B 89 29.30 -8.91 14.33
C LYS B 89 29.74 -9.56 15.65
N GLN B 90 30.54 -8.84 16.41
CA GLN B 90 30.99 -9.31 17.72
C GLN B 90 29.80 -9.49 18.67
N LEU B 91 28.85 -8.53 18.66
CA LEU B 91 27.67 -8.63 19.52
C LEU B 91 26.89 -9.89 19.18
N ALA B 92 26.70 -10.15 17.89
CA ALA B 92 25.98 -11.35 17.43
C ALA B 92 26.70 -12.61 17.91
N GLU B 93 28.01 -12.62 17.73
CA GLU B 93 28.88 -13.70 18.20
C GLU B 93 28.71 -13.93 19.70
N VAL B 94 28.92 -12.89 20.50
CA VAL B 94 28.89 -13.05 21.96
C VAL B 94 27.50 -13.42 22.47
N ALA B 95 26.48 -12.68 22.04
CA ALA B 95 25.12 -12.91 22.53
C ALA B 95 24.63 -14.32 22.19
N GLU B 96 24.89 -14.78 20.97
CA GLU B 96 24.48 -16.12 20.55
C GLU B 96 25.15 -17.22 21.41
N ARG B 97 26.39 -16.99 21.82
CA ARG B 97 27.09 -17.94 22.67
C ARG B 97 26.55 -17.95 24.10
N GLU B 98 26.54 -16.78 24.73
CA GLU B 98 26.20 -16.69 26.16
C GLU B 98 24.73 -17.08 26.42
N MET B 99 23.84 -16.69 25.51
CA MET B 99 22.43 -17.05 25.63
C MET B 99 22.14 -18.46 25.09
N GLU B 100 23.10 -19.08 24.41
CA GLU B 100 22.98 -20.45 23.88
C GLU B 100 21.87 -20.58 22.84
N GLY B 101 21.89 -19.69 21.86
CA GLY B 101 20.91 -19.66 20.79
C GLY B 101 19.95 -18.51 21.02
N ILE B 102 19.66 -17.76 19.96
CA ILE B 102 18.69 -16.67 20.05
C ILE B 102 17.56 -16.94 19.09
N ASP B 103 16.33 -16.94 19.61
CA ASP B 103 15.13 -17.19 18.80
C ASP B 103 14.47 -15.91 18.26
N ILE B 104 14.52 -14.83 19.05
CA ILE B 104 13.83 -13.58 18.75
C ILE B 104 14.83 -12.43 18.75
N LEU B 105 14.88 -11.71 17.63
CA LEU B 105 15.71 -10.50 17.54
C LEU B 105 14.77 -9.31 17.42
N VAL B 106 14.90 -8.35 18.34
CA VAL B 106 14.20 -7.09 18.21
C VAL B 106 15.23 -5.99 17.87
N ASN B 107 15.17 -5.49 16.64
CA ASN B 107 16.01 -4.40 16.17
C ASN B 107 15.33 -3.07 16.49
N ASN B 108 15.88 -2.36 17.44
CA ASN B 108 15.22 -1.20 18.01
C ASN B 108 16.17 -0.02 18.07
N ALA B 109 17.43 -0.27 18.39
CA ALA B 109 18.45 0.78 18.41
C ALA B 109 18.21 1.83 17.31
N GLY B 110 18.08 3.10 17.71
CA GLY B 110 18.03 4.24 16.78
C GLY B 110 19.13 5.26 17.10
N VAL B 118 27.38 20.20 19.42
CA VAL B 118 26.34 19.30 18.91
C VAL B 118 26.80 18.64 17.61
N ARG B 119 26.65 17.32 17.54
CA ARG B 119 26.92 16.57 16.34
C ARG B 119 25.72 16.71 15.42
N MET B 120 25.96 16.97 14.13
CA MET B 120 24.86 17.01 13.18
C MET B 120 24.50 15.57 12.85
N GLN B 121 23.34 15.14 13.26
CA GLN B 121 23.02 13.73 13.12
C GLN B 121 21.96 13.54 12.06
N ASP B 122 20.96 14.41 12.07
CA ASP B 122 19.77 14.20 11.26
C ASP B 122 19.97 14.49 9.81
N GLN B 123 20.90 15.40 9.52
CA GLN B 123 21.15 15.84 8.17
C GLN B 123 22.36 15.15 7.64
N ASP B 124 22.80 14.15 8.38
CA ASP B 124 23.87 13.32 7.95
C ASP B 124 23.24 12.02 7.41
N TRP B 125 22.94 12.04 6.12
CA TRP B 125 22.33 10.92 5.42
C TRP B 125 23.09 9.63 5.69
N ASP B 126 24.42 9.66 5.50
CA ASP B 126 25.23 8.47 5.74
C ASP B 126 25.04 7.92 7.15
N ASP B 127 24.96 8.81 8.14
CA ASP B 127 24.84 8.35 9.51
C ASP B 127 23.45 7.78 9.80
N VAL B 128 22.42 8.44 9.30
CA VAL B 128 21.05 7.99 9.54
C VAL B 128 20.85 6.63 8.90
N LEU B 129 21.38 6.45 7.69
CA LEU B 129 21.29 5.18 7.01
C LEU B 129 22.07 4.10 7.77
N ALA B 130 23.28 4.43 8.23
CA ALA B 130 24.12 3.46 8.95
C ALA B 130 23.43 2.93 10.22
N VAL B 131 22.86 3.83 11.01
CA VAL B 131 22.35 3.46 12.32
C VAL B 131 20.92 2.92 12.25
N ASN B 132 20.11 3.42 11.32
CA ASN B 132 18.70 3.12 11.27
C ASN B 132 18.35 2.04 10.26
N LEU B 133 19.26 1.67 9.36
CA LEU B 133 18.99 0.63 8.35
C LEU B 133 20.09 -0.43 8.34
N THR B 134 21.31 0.00 8.07
CA THR B 134 22.40 -0.95 7.90
C THR B 134 22.67 -1.75 9.18
N ALA B 135 22.55 -1.11 10.34
CA ALA B 135 22.84 -1.80 11.60
C ALA B 135 21.90 -2.98 11.79
N ALA B 136 20.60 -2.74 11.62
CA ALA B 136 19.59 -3.79 11.74
C ALA B 136 19.81 -4.91 10.71
N SER B 137 20.17 -4.55 9.48
CA SER B 137 20.38 -5.55 8.46
C SER B 137 21.64 -6.40 8.72
N THR B 138 22.72 -5.79 9.19
CA THR B 138 23.92 -6.51 9.60
C THR B 138 23.67 -7.49 10.75
N LEU B 139 23.00 -7.02 11.81
CA LEU B 139 22.74 -7.88 12.96
C LEU B 139 21.78 -9.02 12.61
N THR B 140 20.72 -8.68 11.89
CA THR B 140 19.78 -9.68 11.42
C THR B 140 20.50 -10.80 10.65
N ARG B 141 21.39 -10.41 9.75
CA ARG B 141 22.05 -11.38 8.88
C ARG B 141 23.08 -12.23 9.61
N GLU B 142 23.67 -11.72 10.68
CA GLU B 142 24.50 -12.54 11.54
C GLU B 142 23.69 -13.59 12.30
N LEU B 143 22.43 -13.32 12.60
CA LEU B 143 21.67 -14.15 13.53
C LEU B 143 20.64 -15.11 12.91
N ILE B 144 20.19 -14.86 11.67
CA ILE B 144 19.23 -15.76 11.02
C ILE B 144 19.85 -17.12 10.68
N HIS B 145 21.17 -17.15 10.53
CA HIS B 145 21.91 -18.36 10.25
C HIS B 145 21.46 -19.53 11.14
N SER B 146 21.57 -19.33 12.44
CA SER B 146 21.18 -20.34 13.41
C SER B 146 19.67 -20.56 13.49
N MET B 147 18.90 -19.49 13.33
CA MET B 147 17.43 -19.61 13.24
C MET B 147 17.03 -20.50 12.08
N MET B 148 17.72 -20.35 10.94
CA MET B 148 17.41 -21.13 9.75
C MET B 148 17.70 -22.61 10.00
N ARG B 149 18.82 -22.87 10.66
CA ARG B 149 19.22 -24.23 11.03
C ARG B 149 18.16 -24.85 11.95
N ARG B 150 17.69 -24.09 12.94
CA ARG B 150 16.66 -24.57 13.85
C ARG B 150 15.23 -24.56 13.25
N ARG B 151 15.07 -23.96 12.07
CA ARG B 151 13.78 -23.73 11.44
C ARG B 151 12.80 -23.06 12.41
N TYR B 152 13.24 -21.98 13.02
CA TYR B 152 12.37 -21.25 13.92
C TYR B 152 13.02 -19.92 14.29
N GLY B 153 12.27 -18.83 14.19
CA GLY B 153 12.70 -17.58 14.73
C GLY B 153 11.76 -16.43 14.48
N ARG B 154 12.13 -15.28 15.03
CA ARG B 154 11.36 -14.06 14.87
C ARG B 154 12.29 -12.87 14.77
N ILE B 155 12.15 -12.11 13.69
CA ILE B 155 12.82 -10.82 13.54
C ILE B 155 11.74 -9.73 13.59
N ILE B 156 11.90 -8.79 14.52
CA ILE B 156 11.00 -7.67 14.66
C ILE B 156 11.84 -6.39 14.62
N ASN B 157 11.54 -5.52 13.66
CA ASN B 157 12.23 -4.27 13.49
C ASN B 157 11.32 -3.13 13.93
N ILE B 158 11.78 -2.34 14.89
CA ILE B 158 11.06 -1.20 15.36
C ILE B 158 11.62 0.00 14.59
N THR B 159 10.80 0.66 13.78
CA THR B 159 11.29 1.75 12.97
C THR B 159 11.37 3.03 13.83
N SER B 160 12.04 4.05 13.31
CA SER B 160 12.06 5.34 13.99
C SER B 160 10.63 5.88 14.10
N ILE B 161 10.39 6.63 15.18
CA ILE B 161 9.08 7.22 15.47
C ILE B 161 8.60 8.11 14.33
N GLY B 169 15.96 16.69 7.87
CA GLY B 169 16.10 15.65 8.86
C GLY B 169 15.05 14.57 8.63
N GLN B 170 13.80 14.98 8.53
CA GLN B 170 12.71 14.02 8.44
C GLN B 170 12.75 13.18 7.17
N THR B 171 13.21 13.79 6.07
CA THR B 171 13.36 13.06 4.83
C THR B 171 14.39 11.92 4.94
N ASN B 172 15.49 12.13 5.65
CA ASN B 172 16.48 11.05 5.84
C ASN B 172 15.91 9.87 6.62
N TYR B 173 15.19 10.17 7.69
CA TYR B 173 14.57 9.13 8.50
C TYR B 173 13.51 8.35 7.75
N CYS B 174 12.68 9.03 6.98
CA CYS B 174 11.67 8.37 6.17
C CYS B 174 12.32 7.39 5.22
N ALA B 175 13.45 7.79 4.65
CA ALA B 175 14.14 6.99 3.66
C ALA B 175 14.69 5.74 4.30
N ALA B 176 15.37 5.90 5.44
CA ALA B 176 15.89 4.74 6.20
C ALA B 176 14.74 3.82 6.65
N LYS B 177 13.66 4.39 7.13
CA LYS B 177 12.49 3.59 7.55
C LYS B 177 11.91 2.77 6.38
N ALA B 178 11.67 3.42 5.24
CA ALA B 178 11.13 2.73 4.08
C ALA B 178 12.10 1.64 3.60
N GLY B 179 13.39 1.93 3.65
CA GLY B 179 14.44 0.97 3.31
C GLY B 179 14.40 -0.25 4.23
N LEU B 180 14.18 -0.01 5.52
CA LEU B 180 14.06 -1.10 6.50
C LEU B 180 12.84 -2.00 6.26
N ILE B 181 11.72 -1.38 5.94
CA ILE B 181 10.49 -2.11 5.67
C ILE B 181 10.70 -2.93 4.40
N GLY B 182 11.37 -2.35 3.39
CA GLY B 182 11.69 -3.08 2.16
C GLY B 182 12.59 -4.26 2.44
N PHE B 183 13.66 -4.03 3.18
CA PHE B 183 14.53 -5.14 3.62
C PHE B 183 13.75 -6.28 4.27
N SER B 184 12.91 -5.92 5.24
CA SER B 184 12.12 -6.89 6.01
C SER B 184 11.16 -7.70 5.17
N LYS B 185 10.47 -7.03 4.23
CA LYS B 185 9.55 -7.71 3.34
C LYS B 185 10.29 -8.70 2.43
N ALA B 186 11.44 -8.30 1.90
CA ALA B 186 12.19 -9.19 1.02
C ALA B 186 12.77 -10.35 1.83
N LEU B 187 13.32 -10.06 3.01
CA LEU B 187 13.91 -11.13 3.82
C LEU B 187 12.81 -12.12 4.22
N ALA B 188 11.64 -11.60 4.56
CA ALA B 188 10.50 -12.46 4.92
C ALA B 188 10.21 -13.53 3.85
N GLN B 189 10.23 -13.13 2.58
CA GLN B 189 10.04 -14.08 1.47
C GLN B 189 11.10 -15.16 1.44
N GLU B 190 12.34 -14.78 1.72
CA GLU B 190 13.50 -15.69 1.62
C GLU B 190 13.45 -16.83 2.62
N ILE B 191 13.04 -16.52 3.85
CA ILE B 191 13.14 -17.45 4.96
C ILE B 191 11.80 -17.91 5.51
N ALA B 192 10.71 -17.53 4.86
CA ALA B 192 9.38 -17.97 5.30
C ALA B 192 9.30 -19.48 5.41
N SER B 193 9.89 -20.20 4.46
CA SER B 193 9.83 -21.69 4.44
C SER B 193 10.55 -22.32 5.62
N ARG B 194 11.42 -21.54 6.28
CA ARG B 194 12.13 -21.98 7.48
C ARG B 194 11.43 -21.58 8.77
N ASN B 195 10.18 -21.10 8.68
CA ASN B 195 9.40 -20.75 9.86
C ASN B 195 10.04 -19.64 10.67
N ILE B 196 10.66 -18.69 9.97
CA ILE B 196 11.14 -17.48 10.59
C ILE B 196 10.28 -16.35 10.05
N THR B 197 9.61 -15.60 10.93
CA THR B 197 8.87 -14.43 10.47
C THR B 197 9.69 -13.12 10.63
N VAL B 198 9.41 -12.17 9.75
CA VAL B 198 10.07 -10.90 9.72
C VAL B 198 9.03 -9.83 9.55
N ASN B 199 8.91 -8.98 10.55
CA ASN B 199 7.88 -7.96 10.59
C ASN B 199 8.45 -6.66 11.18
N CYS B 200 7.80 -5.55 10.87
CA CYS B 200 8.18 -4.28 11.43
C CYS B 200 7.05 -3.68 12.23
N ILE B 201 7.39 -2.81 13.17
CA ILE B 201 6.42 -2.03 13.87
C ILE B 201 6.84 -0.59 13.61
N ALA B 202 5.91 0.22 13.06
CA ALA B 202 6.14 1.64 12.85
C ALA B 202 5.32 2.50 13.85
N PRO B 203 5.97 2.97 14.92
CA PRO B 203 5.24 3.78 15.88
C PRO B 203 4.91 5.18 15.39
N GLY B 204 3.79 5.71 15.85
CA GLY B 204 3.43 7.10 15.57
C GLY B 204 4.10 7.99 16.60
N PHE B 205 3.39 8.99 17.10
CA PHE B 205 3.95 9.85 18.16
C PHE B 205 3.87 9.15 19.50
N ILE B 206 5.03 8.91 20.09
CA ILE B 206 5.14 8.16 21.32
C ILE B 206 5.76 9.07 22.38
N LYS B 207 5.14 9.12 23.55
CA LYS B 207 5.63 9.88 24.69
C LYS B 207 7.07 9.46 24.98
N SER B 208 7.98 10.43 25.03
CA SER B 208 9.39 10.14 25.24
C SER B 208 9.69 10.14 26.74
N ALA B 221 -0.64 20.97 17.63
CA ALA B 221 -0.04 20.87 16.30
C ALA B 221 0.24 19.41 15.96
N ILE B 222 1.10 18.81 16.78
CA ILE B 222 1.33 17.37 16.76
C ILE B 222 0.00 16.64 16.92
N MET B 223 -0.76 17.05 17.93
CA MET B 223 -2.01 16.38 18.31
C MET B 223 -3.09 16.55 17.22
N ALA B 224 -3.01 17.61 16.43
CA ALA B 224 -3.96 17.85 15.35
C ALA B 224 -3.86 16.80 14.26
N MET B 225 -2.71 16.11 14.19
CA MET B 225 -2.49 15.08 13.19
C MET B 225 -2.93 13.68 13.63
N ILE B 226 -3.25 13.51 14.91
CA ILE B 226 -3.58 12.21 15.47
C ILE B 226 -5.10 12.12 15.75
N PRO B 227 -5.85 11.35 14.92
CA PRO B 227 -7.31 11.24 15.09
C PRO B 227 -7.73 10.84 16.50
N MET B 228 -6.93 9.99 17.13
CA MET B 228 -7.22 9.52 18.49
C MET B 228 -6.95 10.59 19.58
N LYS B 229 -6.32 11.71 19.18
CA LYS B 229 -6.11 12.88 20.06
C LYS B 229 -5.36 12.51 21.34
N ARG B 230 -4.42 11.57 21.22
CA ARG B 230 -3.44 11.30 22.26
C ARG B 230 -2.20 10.73 21.63
N MET B 231 -1.09 10.90 22.33
CA MET B 231 0.14 10.26 21.98
C MET B 231 0.14 8.84 22.53
N GLY B 232 0.86 7.95 21.87
CA GLY B 232 1.01 6.57 22.34
C GLY B 232 2.07 6.52 23.42
N ILE B 233 2.08 5.43 24.19
CA ILE B 233 3.18 5.17 25.10
C ILE B 233 3.96 3.92 24.69
N GLY B 234 5.18 3.84 25.20
CA GLY B 234 6.11 2.79 24.85
C GLY B 234 5.55 1.39 25.03
N GLU B 235 4.77 1.20 26.10
CA GLU B 235 4.27 -0.13 26.40
C GLU B 235 3.40 -0.68 25.25
N GLU B 236 2.69 0.21 24.56
CA GLU B 236 1.82 -0.18 23.49
C GLU B 236 2.60 -0.80 22.33
N ILE B 237 3.81 -0.27 22.06
CA ILE B 237 4.73 -0.88 21.09
C ILE B 237 5.22 -2.21 21.63
N ALA B 238 5.56 -2.24 22.92
CA ALA B 238 5.93 -3.50 23.59
C ALA B 238 4.89 -4.61 23.41
N PHE B 239 3.60 -4.30 23.55
CA PHE B 239 2.56 -5.33 23.44
C PHE B 239 2.48 -5.86 22.02
N ALA B 240 2.66 -4.98 21.03
CA ALA B 240 2.70 -5.42 19.62
C ALA B 240 3.88 -6.37 19.37
N THR B 241 5.03 -6.05 19.92
CA THR B 241 6.24 -6.87 19.80
C THR B 241 6.01 -8.27 20.42
N VAL B 242 5.33 -8.34 21.56
CA VAL B 242 4.97 -9.64 22.13
C VAL B 242 4.11 -10.44 21.19
N TYR B 243 3.11 -9.80 20.62
CA TYR B 243 2.21 -10.47 19.71
C TYR B 243 3.00 -11.07 18.52
N LEU B 244 3.84 -10.25 17.88
CA LEU B 244 4.61 -10.70 16.72
C LEU B 244 5.60 -11.80 17.08
N ALA B 245 6.27 -11.66 18.23
CA ALA B 245 7.21 -12.69 18.72
C ALA B 245 6.57 -14.04 19.07
N SER B 246 5.26 -14.05 19.32
CA SER B 246 4.61 -15.26 19.84
C SER B 246 4.45 -16.34 18.78
N ASP B 247 4.27 -17.57 19.25
CA ASP B 247 3.89 -18.69 18.37
C ASP B 247 2.55 -18.44 17.64
N GLU B 248 1.67 -17.68 18.28
CA GLU B 248 0.38 -17.33 17.70
C GLU B 248 0.47 -16.48 16.43
N ALA B 249 1.59 -15.79 16.20
CA ALA B 249 1.74 -14.99 14.98
C ALA B 249 2.63 -15.68 13.93
N ALA B 250 2.68 -17.01 13.97
CA ALA B 250 3.52 -17.79 13.03
C ALA B 250 3.19 -17.57 11.56
N TYR B 251 1.93 -17.23 11.24
CA TYR B 251 1.50 -17.06 9.84
C TYR B 251 1.52 -15.62 9.31
N LEU B 252 1.95 -14.70 10.16
CA LEU B 252 2.02 -13.31 9.84
C LEU B 252 3.50 -12.99 9.58
N THR B 253 3.82 -12.64 8.34
CA THR B 253 5.16 -12.27 8.01
C THR B 253 5.19 -11.25 6.89
N GLY B 254 6.26 -10.48 6.85
CA GLY B 254 6.43 -9.44 5.86
C GLY B 254 5.49 -8.26 6.05
N GLN B 255 5.04 -8.03 7.27
CA GLN B 255 4.05 -6.97 7.52
C GLN B 255 4.62 -5.83 8.38
N THR B 256 3.99 -4.67 8.32
CA THR B 256 4.28 -3.54 9.20
C THR B 256 3.05 -3.20 10.00
N LEU B 257 3.14 -3.26 11.33
CA LEU B 257 2.09 -2.77 12.19
C LEU B 257 2.31 -1.29 12.43
N HIS B 258 1.45 -0.45 11.87
CA HIS B 258 1.50 0.98 12.14
C HIS B 258 0.64 1.26 13.34
N ILE B 259 1.27 1.62 14.44
CA ILE B 259 0.60 1.85 15.71
C ILE B 259 0.71 3.33 15.99
N ASN B 260 -0.30 4.08 15.60
CA ASN B 260 -0.15 5.54 15.50
C ASN B 260 -1.40 6.38 15.76
N GLY B 261 -2.40 5.79 16.38
CA GLY B 261 -3.66 6.49 16.68
C GLY B 261 -4.49 6.89 15.46
N GLY B 262 -4.22 6.27 14.32
CA GLY B 262 -4.96 6.53 13.10
C GLY B 262 -4.38 7.58 12.16
N MET B 263 -3.11 7.94 12.35
CA MET B 263 -2.45 8.92 11.47
C MET B 263 -2.47 8.51 9.99
N ALA B 264 -2.68 9.47 9.10
CA ALA B 264 -2.58 9.26 7.65
C ALA B 264 -1.11 9.18 7.22
N MET B 265 -0.85 8.45 6.12
CA MET B 265 0.53 8.18 5.63
C MET B 265 1.51 7.88 6.76
N SER C 21 1.55 20.01 -29.08
CA SER C 21 2.32 20.78 -28.05
C SER C 21 2.11 20.20 -26.65
N MET C 22 1.17 19.26 -26.54
CA MET C 22 0.91 18.62 -25.26
C MET C 22 2.06 17.67 -24.89
N PHE C 23 2.56 17.78 -23.65
CA PHE C 23 3.62 16.93 -23.09
C PHE C 23 5.02 17.25 -23.66
N LYS C 24 5.14 18.43 -24.26
CA LYS C 24 6.41 18.90 -24.79
C LYS C 24 7.28 19.42 -23.66
N LEU C 25 8.59 19.33 -23.87
CA LEU C 25 9.62 19.67 -22.89
C LEU C 25 10.53 20.78 -23.44
N THR C 26 9.99 21.56 -24.35
CA THR C 26 10.73 22.55 -25.12
C THR C 26 11.49 23.54 -24.26
N GLY C 27 12.81 23.57 -24.44
CA GLY C 27 13.66 24.49 -23.72
C GLY C 27 14.02 24.08 -22.29
N ARG C 28 13.42 23.01 -21.78
CA ARG C 28 13.69 22.53 -20.43
C ARG C 28 15.03 21.87 -20.35
N LYS C 29 15.76 22.11 -19.27
CA LYS C 29 17.09 21.52 -19.09
C LYS C 29 16.96 20.25 -18.25
N ALA C 30 17.45 19.13 -18.76
CA ALA C 30 17.29 17.85 -18.08
C ALA C 30 18.62 17.17 -17.93
N LEU C 31 18.92 16.70 -16.72
CA LEU C 31 20.12 15.88 -16.46
C LEU C 31 19.68 14.45 -16.25
N VAL C 32 20.20 13.56 -17.10
CA VAL C 32 19.90 12.13 -17.05
C VAL C 32 21.13 11.31 -16.62
N THR C 33 21.06 10.62 -15.48
CA THR C 33 22.19 9.77 -15.04
C THR C 33 22.08 8.40 -15.68
N GLY C 34 23.19 7.69 -15.78
CA GLY C 34 23.21 6.38 -16.44
C GLY C 34 22.69 6.39 -17.85
N ALA C 35 23.05 7.43 -18.60
CA ALA C 35 22.50 7.62 -19.96
C ALA C 35 23.17 6.77 -21.03
N THR C 36 24.13 5.95 -20.65
CA THR C 36 25.02 5.34 -21.63
C THR C 36 24.42 4.14 -22.35
N GLY C 37 23.44 3.48 -21.73
CA GLY C 37 22.69 2.43 -22.41
C GLY C 37 21.34 2.23 -21.75
N GLY C 38 20.60 1.23 -22.23
CA GLY C 38 19.33 0.84 -21.66
C GLY C 38 18.27 1.93 -21.50
N ILE C 39 17.73 2.01 -20.30
CA ILE C 39 16.62 2.90 -20.00
C ILE C 39 17.04 4.36 -20.04
N GLY C 40 18.23 4.61 -19.52
CA GLY C 40 18.83 5.95 -19.53
C GLY C 40 19.00 6.51 -20.92
N GLU C 41 19.54 5.73 -21.84
CA GLU C 41 19.69 6.19 -23.21
C GLU C 41 18.31 6.45 -23.86
N ALA C 42 17.34 5.58 -23.60
CA ALA C 42 15.99 5.77 -24.14
C ALA C 42 15.35 7.06 -23.59
N ILE C 43 15.57 7.33 -22.32
CA ILE C 43 15.01 8.53 -21.71
C ILE C 43 15.69 9.76 -22.33
N ALA C 44 17.01 9.73 -22.43
CA ALA C 44 17.75 10.83 -23.07
C ALA C 44 17.21 11.12 -24.49
N ARG C 45 17.04 10.06 -25.30
CA ARG C 45 16.59 10.22 -26.68
C ARG C 45 15.15 10.76 -26.76
N CYS C 46 14.29 10.29 -25.86
CA CYS C 46 12.91 10.76 -25.81
C CYS C 46 12.80 12.23 -25.37
N PHE C 47 13.53 12.58 -24.31
CA PHE C 47 13.64 13.97 -23.88
C PHE C 47 14.11 14.88 -25.03
N HIS C 48 15.12 14.44 -25.78
CA HIS C 48 15.64 15.23 -26.89
C HIS C 48 14.53 15.41 -27.95
N ALA C 49 13.81 14.34 -28.25
CA ALA C 49 12.69 14.39 -29.21
C ALA C 49 11.59 15.40 -28.81
N GLN C 50 11.37 15.55 -27.50
CA GLN C 50 10.36 16.45 -26.96
C GLN C 50 10.84 17.88 -26.72
N GLY C 51 12.06 18.19 -27.18
CA GLY C 51 12.59 19.55 -27.18
C GLY C 51 13.45 19.93 -25.99
N ALA C 52 13.75 18.97 -25.12
CA ALA C 52 14.59 19.22 -23.96
C ALA C 52 16.05 19.43 -24.34
N ILE C 53 16.71 20.30 -23.58
CA ILE C 53 18.16 20.45 -23.61
C ILE C 53 18.69 19.44 -22.62
N VAL C 54 19.44 18.44 -23.11
CA VAL C 54 19.77 17.25 -22.33
C VAL C 54 21.23 17.17 -21.90
N GLY C 55 21.41 16.89 -20.62
CA GLY C 55 22.69 16.56 -20.05
C GLY C 55 22.74 15.06 -19.83
N LEU C 56 23.77 14.42 -20.37
CA LEU C 56 23.98 12.99 -20.27
C LEU C 56 25.13 12.69 -19.34
N HIS C 57 24.84 11.97 -18.24
CA HIS C 57 25.89 11.43 -17.40
C HIS C 57 26.00 9.92 -17.60
N GLY C 58 27.24 9.45 -17.47
CA GLY C 58 27.56 8.02 -17.49
C GLY C 58 29.02 7.84 -17.12
N THR C 59 29.52 6.60 -17.17
CA THR C 59 30.95 6.33 -16.94
C THR C 59 31.73 6.07 -18.23
N ARG C 60 31.02 5.76 -19.31
CA ARG C 60 31.66 5.45 -20.58
C ARG C 60 31.64 6.68 -21.47
N GLU C 61 32.70 7.45 -21.40
CA GLU C 61 32.78 8.73 -22.11
C GLU C 61 32.66 8.61 -23.64
N ASP C 62 33.17 7.52 -24.22
CA ASP C 62 33.09 7.31 -25.67
C ASP C 62 31.64 7.05 -26.09
N LYS C 63 30.94 6.22 -25.33
CA LYS C 63 29.52 5.99 -25.55
C LYS C 63 28.69 7.25 -25.36
N LEU C 64 29.02 8.04 -24.36
CA LEU C 64 28.30 9.29 -24.10
C LEU C 64 28.39 10.25 -25.30
N LYS C 65 29.59 10.37 -25.86
CA LYS C 65 29.81 11.27 -27.00
C LYS C 65 29.19 10.74 -28.28
N GLU C 66 29.20 9.42 -28.46
CA GLU C 66 28.48 8.80 -29.57
C GLU C 66 26.99 9.14 -29.51
N ILE C 67 26.40 9.02 -28.33
CA ILE C 67 24.99 9.36 -28.18
C ILE C 67 24.78 10.85 -28.39
N ALA C 68 25.63 11.66 -27.77
CA ALA C 68 25.52 13.12 -27.87
C ALA C 68 25.56 13.55 -29.33
N ALA C 69 26.54 13.04 -30.06
CA ALA C 69 26.72 13.34 -31.48
C ALA C 69 25.49 12.92 -32.29
N ASP C 70 24.96 11.75 -31.99
CA ASP C 70 23.81 11.21 -32.70
C ASP C 70 22.59 12.14 -32.54
N LEU C 71 22.38 12.66 -31.34
CA LEU C 71 21.31 13.62 -31.09
C LEU C 71 21.57 14.93 -31.84
N GLY C 72 22.77 15.48 -31.64
CA GLY C 72 23.35 16.50 -32.52
C GLY C 72 23.00 17.96 -32.24
N LYS C 73 22.23 18.22 -31.18
CA LYS C 73 21.85 19.60 -30.85
C LYS C 73 21.55 19.78 -29.37
N ASP C 74 22.17 20.80 -28.77
CA ASP C 74 21.95 21.16 -27.37
C ASP C 74 22.10 19.96 -26.44
N VAL C 75 23.32 19.42 -26.40
CA VAL C 75 23.63 18.30 -25.56
C VAL C 75 24.87 18.61 -24.76
N PHE C 76 24.84 18.18 -23.49
CA PHE C 76 25.99 18.23 -22.61
C PHE C 76 26.32 16.82 -22.15
N VAL C 77 27.60 16.59 -21.88
CA VAL C 77 28.07 15.29 -21.42
C VAL C 77 28.86 15.48 -20.13
N PHE C 78 28.60 14.61 -19.16
CA PHE C 78 29.25 14.69 -17.86
C PHE C 78 29.71 13.31 -17.38
N SER C 79 30.94 13.23 -16.88
CA SER C 79 31.44 12.00 -16.26
C SER C 79 31.48 12.18 -14.75
N ALA C 80 31.14 11.13 -14.01
CA ALA C 80 31.28 11.16 -12.55
C ALA C 80 31.07 9.80 -11.89
N ASN C 81 31.82 9.56 -10.81
CA ASN C 81 31.70 8.37 -9.98
C ASN C 81 30.58 8.57 -8.96
N LEU C 82 29.43 7.98 -9.24
CA LEU C 82 28.27 8.11 -8.36
C LEU C 82 28.43 7.37 -7.00
N SER C 83 29.50 6.60 -6.83
CA SER C 83 29.79 5.98 -5.53
C SER C 83 30.54 6.94 -4.61
N ASP C 84 30.95 8.10 -5.15
CA ASP C 84 31.73 9.07 -4.40
C ASP C 84 30.94 10.36 -4.17
N ARG C 85 30.68 10.64 -2.91
CA ARG C 85 29.88 11.77 -2.51
C ARG C 85 30.42 13.10 -3.06
N LYS C 86 31.72 13.31 -2.93
CA LYS C 86 32.33 14.55 -3.39
C LYS C 86 32.24 14.68 -4.91
N SER C 87 32.42 13.56 -5.62
CA SER C 87 32.23 13.50 -7.07
C SER C 87 30.80 13.86 -7.51
N ILE C 88 29.80 13.49 -6.72
CA ILE C 88 28.40 13.78 -7.04
C ILE C 88 28.13 15.29 -6.92
N LYS C 89 28.64 15.88 -5.84
CA LYS C 89 28.54 17.33 -5.63
C LYS C 89 29.19 18.10 -6.78
N GLN C 90 30.33 17.63 -7.24
CA GLN C 90 30.99 18.26 -8.38
C GLN C 90 30.19 18.19 -9.67
N LEU C 91 29.55 17.03 -9.93
CA LEU C 91 28.72 16.87 -11.11
C LEU C 91 27.57 17.86 -11.06
N ALA C 92 26.93 17.95 -9.90
CA ALA C 92 25.83 18.87 -9.69
C ALA C 92 26.25 20.32 -9.96
N GLU C 93 27.37 20.72 -9.38
CA GLU C 93 27.87 22.10 -9.53
C GLU C 93 28.15 22.42 -10.99
N VAL C 94 28.92 21.54 -11.64
CA VAL C 94 29.30 21.74 -13.03
C VAL C 94 28.09 21.70 -13.98
N ALA C 95 27.18 20.74 -13.79
CA ALA C 95 26.02 20.61 -14.67
C ALA C 95 25.09 21.82 -14.56
N GLU C 96 24.77 22.19 -13.32
CA GLU C 96 23.94 23.37 -13.02
C GLU C 96 24.56 24.65 -13.63
N ARG C 97 25.87 24.79 -13.56
CA ARG C 97 26.53 25.97 -14.14
C ARG C 97 26.56 25.95 -15.67
N GLU C 98 27.03 24.86 -16.26
CA GLU C 98 27.18 24.81 -17.71
C GLU C 98 25.82 24.90 -18.42
N MET C 99 24.83 24.20 -17.88
CA MET C 99 23.51 24.12 -18.51
C MET C 99 22.67 25.35 -18.16
N GLU C 100 23.17 26.19 -17.27
CA GLU C 100 22.49 27.42 -16.83
C GLU C 100 21.15 27.12 -16.16
N GLY C 101 21.16 26.16 -15.24
CA GLY C 101 19.96 25.82 -14.50
C GLY C 101 19.36 24.52 -15.01
N ILE C 102 19.19 23.54 -14.12
CA ILE C 102 18.59 22.25 -14.51
C ILE C 102 17.15 22.20 -14.00
N ASP C 103 16.21 21.88 -14.91
CA ASP C 103 14.80 21.83 -14.58
C ASP C 103 14.33 20.42 -14.19
N ILE C 104 14.94 19.41 -14.81
CA ILE C 104 14.51 18.04 -14.66
C ILE C 104 15.73 17.18 -14.32
N LEU C 105 15.65 16.44 -13.21
CA LEU C 105 16.63 15.40 -12.91
C LEU C 105 16.02 14.02 -13.04
N VAL C 106 16.61 13.16 -13.87
CA VAL C 106 16.27 11.73 -13.88
C VAL C 106 17.43 10.95 -13.28
N ASN C 107 17.21 10.39 -12.10
CA ASN C 107 18.15 9.48 -11.44
C ASN C 107 17.87 8.04 -11.88
N ASN C 108 18.80 7.50 -12.64
CA ASN C 108 18.63 6.23 -13.32
C ASN C 108 19.69 5.19 -12.92
N GLN C 121 29.47 -10.24 1.14
CA GLN C 121 28.04 -9.96 1.20
C GLN C 121 27.74 -8.57 1.79
N ASP C 122 28.68 -8.07 2.60
CA ASP C 122 28.54 -6.75 3.21
C ASP C 122 28.95 -5.65 2.25
N GLN C 123 30.02 -5.94 1.52
CA GLN C 123 30.45 -5.12 0.39
C GLN C 123 29.34 -4.97 -0.62
N ASP C 124 28.59 -6.05 -0.81
CA ASP C 124 27.48 -6.07 -1.74
C ASP C 124 26.36 -5.15 -1.25
N TRP C 125 26.05 -5.25 0.04
CA TRP C 125 25.07 -4.36 0.68
C TRP C 125 25.45 -2.89 0.44
N ASP C 126 26.66 -2.51 0.87
CA ASP C 126 27.11 -1.09 0.81
C ASP C 126 27.11 -0.56 -0.62
N ASP C 127 27.57 -1.37 -1.57
CA ASP C 127 27.64 -0.94 -2.96
C ASP C 127 26.24 -0.74 -3.53
N VAL C 128 25.30 -1.64 -3.24
CA VAL C 128 23.95 -1.51 -3.79
C VAL C 128 23.24 -0.28 -3.18
N LEU C 129 23.38 -0.09 -1.87
CA LEU C 129 22.80 1.08 -1.24
C LEU C 129 23.49 2.37 -1.76
N ALA C 130 24.81 2.32 -1.97
CA ALA C 130 25.52 3.51 -2.46
C ALA C 130 25.05 3.97 -3.83
N VAL C 131 24.89 3.01 -4.75
CA VAL C 131 24.56 3.33 -6.14
C VAL C 131 23.06 3.38 -6.43
N ASN C 132 22.25 2.59 -5.71
CA ASN C 132 20.81 2.54 -5.99
C ASN C 132 19.95 3.42 -5.08
N LEU C 133 20.53 4.02 -4.04
CA LEU C 133 19.75 4.90 -3.18
C LEU C 133 20.51 6.16 -2.85
N THR C 134 21.67 6.02 -2.23
CA THR C 134 22.42 7.17 -1.76
C THR C 134 22.79 8.12 -2.89
N ALA C 135 23.09 7.59 -4.07
CA ALA C 135 23.55 8.46 -5.19
C ALA C 135 22.43 9.38 -5.65
N ALA C 136 21.24 8.80 -5.82
CA ALA C 136 20.06 9.55 -6.21
C ALA C 136 19.69 10.63 -5.19
N SER C 137 19.70 10.29 -3.91
CA SER C 137 19.37 11.27 -2.87
C SER C 137 20.42 12.39 -2.79
N THR C 138 21.69 12.07 -2.96
CA THR C 138 22.74 13.07 -2.88
C THR C 138 22.68 14.03 -4.05
N LEU C 139 22.56 13.51 -5.27
CA LEU C 139 22.44 14.37 -6.43
C LEU C 139 21.15 15.21 -6.38
N THR C 140 20.06 14.62 -5.89
CA THR C 140 18.79 15.33 -5.83
C THR C 140 18.91 16.51 -4.86
N ARG C 141 19.51 16.26 -3.70
CA ARG C 141 19.67 17.30 -2.67
C ARG C 141 20.48 18.47 -3.16
N GLU C 142 21.48 18.18 -3.97
CA GLU C 142 22.37 19.21 -4.48
C GLU C 142 21.62 20.06 -5.50
N LEU C 143 20.81 19.46 -6.36
CA LEU C 143 20.15 20.21 -7.43
C LEU C 143 18.84 20.90 -7.04
N ILE C 144 18.14 20.45 -5.99
CA ILE C 144 16.88 21.11 -5.62
C ILE C 144 17.05 22.57 -5.11
N HIS C 145 18.20 22.92 -4.55
CA HIS C 145 18.42 24.30 -4.11
C HIS C 145 18.12 25.30 -5.22
N SER C 146 18.66 25.05 -6.40
CA SER C 146 18.44 25.98 -7.51
C SER C 146 17.03 25.84 -8.09
N MET C 147 16.48 24.62 -8.12
CA MET C 147 15.09 24.44 -8.55
C MET C 147 14.13 25.21 -7.65
N MET C 148 14.39 25.20 -6.33
CA MET C 148 13.54 25.90 -5.38
C MET C 148 13.59 27.41 -5.60
N ARG C 149 14.76 27.90 -5.95
CA ARG C 149 14.94 29.31 -6.28
C ARG C 149 14.17 29.73 -7.54
N ARG C 150 14.02 28.82 -8.51
CA ARG C 150 13.24 29.11 -9.70
C ARG C 150 11.76 28.74 -9.56
N ARG C 151 11.40 28.19 -8.41
CA ARG C 151 10.04 27.64 -8.17
C ARG C 151 9.57 26.79 -9.33
N TYR C 152 10.44 25.89 -9.77
CA TYR C 152 10.08 24.95 -10.82
C TYR C 152 11.07 23.80 -10.83
N GLY C 153 10.57 22.57 -10.85
CA GLY C 153 11.47 21.42 -10.99
C GLY C 153 10.74 20.11 -11.07
N ARG C 154 11.42 19.12 -11.63
CA ARG C 154 10.96 17.76 -11.70
C ARG C 154 12.07 16.83 -11.27
N ILE C 155 11.76 15.95 -10.32
CA ILE C 155 12.69 14.93 -9.91
C ILE C 155 12.04 13.60 -10.21
N ILE C 156 12.71 12.78 -11.01
CA ILE C 156 12.18 11.47 -11.39
C ILE C 156 13.22 10.39 -11.08
N ASN C 157 12.87 9.48 -10.19
CA ASN C 157 13.77 8.37 -9.82
C ASN C 157 13.35 7.08 -10.46
N ILE C 158 14.28 6.47 -11.20
CA ILE C 158 14.01 5.18 -11.82
C ILE C 158 14.62 4.12 -10.90
N THR C 159 13.80 3.24 -10.35
CA THR C 159 14.31 2.20 -9.46
C THR C 159 14.82 1.04 -10.30
N SER C 160 15.51 0.14 -9.62
CA SER C 160 16.04 -1.06 -10.26
C SER C 160 14.89 -1.99 -10.66
N ILE C 161 15.10 -2.76 -11.72
CA ILE C 161 14.08 -3.66 -12.22
C ILE C 161 13.63 -4.71 -11.20
N GLN C 170 16.04 -10.13 -4.58
CA GLN C 170 17.24 -9.92 -3.77
C GLN C 170 17.07 -8.76 -2.78
N THR C 171 17.60 -8.95 -1.57
CA THR C 171 17.20 -8.19 -0.41
C THR C 171 17.90 -6.82 -0.28
N ASN C 172 19.14 -6.72 -0.78
CA ASN C 172 19.85 -5.45 -0.92
C ASN C 172 19.14 -4.51 -1.90
N TYR C 173 18.80 -5.06 -3.07
CA TYR C 173 18.12 -4.29 -4.09
C TYR C 173 16.75 -3.81 -3.63
N CYS C 174 16.00 -4.65 -2.92
CA CYS C 174 14.67 -4.30 -2.45
C CYS C 174 14.75 -3.18 -1.39
N ALA C 175 15.72 -3.28 -0.50
CA ALA C 175 15.97 -2.25 0.52
C ALA C 175 16.26 -0.90 -0.12
N ALA C 176 17.13 -0.91 -1.13
CA ALA C 176 17.52 0.31 -1.82
C ALA C 176 16.34 0.89 -2.58
N LYS C 177 15.60 0.04 -3.28
CA LYS C 177 14.40 0.44 -4.02
C LYS C 177 13.32 1.01 -3.08
N ALA C 178 12.98 0.29 -2.00
CA ALA C 178 11.98 0.82 -1.03
C ALA C 178 12.48 2.11 -0.37
N GLY C 179 13.77 2.20 -0.08
CA GLY C 179 14.34 3.43 0.47
C GLY C 179 14.22 4.62 -0.47
N LEU C 180 14.45 4.37 -1.75
CA LEU C 180 14.33 5.40 -2.77
C LEU C 180 12.90 5.88 -2.92
N ILE C 181 11.96 4.96 -2.87
CA ILE C 181 10.55 5.31 -2.94
C ILE C 181 10.18 6.15 -1.72
N GLY C 182 10.64 5.74 -0.53
CA GLY C 182 10.35 6.47 0.71
C GLY C 182 11.02 7.83 0.74
N PHE C 183 12.26 7.87 0.27
CA PHE C 183 12.91 9.14 0.03
C PHE C 183 12.06 10.05 -0.88
N SER C 184 11.60 9.53 -2.01
CA SER C 184 10.84 10.33 -2.98
C SER C 184 9.54 10.92 -2.41
N LYS C 185 8.79 10.10 -1.68
CA LYS C 185 7.53 10.50 -1.07
C LYS C 185 7.74 11.55 0.00
N ALA C 186 8.76 11.38 0.83
CA ALA C 186 9.06 12.35 1.87
C ALA C 186 9.54 13.68 1.27
N LEU C 187 10.43 13.62 0.28
CA LEU C 187 10.90 14.86 -0.36
C LEU C 187 9.75 15.58 -1.07
N ALA C 188 8.86 14.84 -1.73
CA ALA C 188 7.73 15.48 -2.40
C ALA C 188 6.98 16.38 -1.43
N GLN C 189 6.81 15.92 -0.20
CA GLN C 189 6.10 16.71 0.82
C GLN C 189 6.89 17.98 1.13
N GLU C 190 8.21 17.84 1.24
CA GLU C 190 9.13 18.92 1.62
C GLU C 190 9.10 20.11 0.65
N ILE C 191 9.05 19.83 -0.65
CA ILE C 191 9.27 20.87 -1.64
C ILE C 191 8.10 21.11 -2.57
N ALA C 192 6.96 20.52 -2.26
CA ALA C 192 5.75 20.71 -3.07
C ALA C 192 5.36 22.21 -3.18
N SER C 193 5.54 22.97 -2.10
CA SER C 193 5.22 24.41 -2.13
C SER C 193 6.11 25.18 -3.12
N ARG C 194 7.18 24.59 -3.64
CA ARG C 194 7.99 25.28 -4.66
C ARG C 194 7.74 24.81 -6.07
N ASN C 195 6.59 24.18 -6.30
CA ASN C 195 6.24 23.65 -7.60
C ASN C 195 7.34 22.71 -8.12
N ILE C 196 7.96 21.94 -7.23
CA ILE C 196 8.85 20.85 -7.63
C ILE C 196 8.11 19.55 -7.33
N THR C 197 7.92 18.71 -8.35
CA THR C 197 7.36 17.37 -8.10
C THR C 197 8.46 16.32 -8.04
N VAL C 198 8.21 15.30 -7.24
CA VAL C 198 9.16 14.20 -7.05
C VAL C 198 8.41 12.91 -7.20
N ASN C 199 8.77 12.11 -8.21
CA ASN C 199 8.09 10.84 -8.48
C ASN C 199 9.08 9.73 -8.81
N CYS C 200 8.59 8.50 -8.73
CA CYS C 200 9.37 7.32 -9.04
C CYS C 200 8.71 6.49 -10.11
N ILE C 201 9.54 5.82 -10.88
CA ILE C 201 9.11 4.81 -11.81
C ILE C 201 9.75 3.48 -11.45
N ALA C 202 8.93 2.45 -11.24
CA ALA C 202 9.42 1.11 -10.92
C ALA C 202 9.19 0.17 -12.12
N PRO C 203 10.22 -0.03 -12.93
CA PRO C 203 10.06 -0.93 -14.08
C PRO C 203 10.00 -2.41 -13.68
N GLY C 204 9.22 -3.16 -14.45
CA GLY C 204 9.14 -4.62 -14.33
C GLY C 204 10.27 -5.23 -15.16
N PHE C 205 9.99 -6.34 -15.83
CA PHE C 205 10.98 -6.96 -16.71
C PHE C 205 11.13 -6.18 -18.02
N ILE C 206 12.35 -5.71 -18.31
CA ILE C 206 12.64 -4.94 -19.52
C ILE C 206 13.60 -5.68 -20.46
N LYS C 207 13.32 -5.62 -21.76
CA LYS C 207 14.08 -6.34 -22.77
C LYS C 207 15.45 -5.73 -22.98
N LYS C 219 15.21 -19.30 -18.52
CA LYS C 219 14.36 -19.33 -19.70
C LYS C 219 13.12 -18.43 -19.50
N GLU C 220 12.02 -18.74 -20.21
CA GLU C 220 10.79 -17.97 -20.15
C GLU C 220 9.79 -18.48 -19.09
N ALA C 221 10.30 -18.73 -17.89
CA ALA C 221 9.47 -18.77 -16.68
C ALA C 221 9.19 -17.32 -16.20
N ILE C 222 9.94 -16.37 -16.77
CA ILE C 222 9.68 -14.94 -16.55
C ILE C 222 8.31 -14.58 -17.13
N MET C 223 8.06 -15.03 -18.36
CA MET C 223 6.79 -14.72 -19.04
C MET C 223 5.57 -15.22 -18.28
N ALA C 224 5.73 -16.32 -17.55
CA ALA C 224 4.69 -16.84 -16.67
C ALA C 224 4.39 -15.92 -15.49
N MET C 225 5.38 -15.11 -15.09
CA MET C 225 5.23 -14.16 -13.98
C MET C 225 4.46 -12.89 -14.36
N ILE C 226 4.34 -12.62 -15.66
CA ILE C 226 3.79 -11.36 -16.15
C ILE C 226 2.40 -11.59 -16.75
N PRO C 227 1.34 -11.09 -16.09
CA PRO C 227 -0.03 -11.27 -16.59
C PRO C 227 -0.22 -10.86 -18.05
N MET C 228 0.39 -9.74 -18.42
CA MET C 228 0.35 -9.25 -19.79
C MET C 228 1.13 -10.14 -20.78
N LYS C 229 2.01 -11.01 -20.28
CA LYS C 229 2.71 -12.03 -21.08
C LYS C 229 3.69 -11.49 -22.13
N ARG C 230 4.25 -10.32 -21.88
CA ARG C 230 5.36 -9.80 -22.67
C ARG C 230 6.26 -9.00 -21.74
N MET C 231 7.53 -8.87 -22.12
CA MET C 231 8.43 -7.97 -21.42
C MET C 231 8.19 -6.55 -21.90
N GLY C 232 8.55 -5.57 -21.09
CA GLY C 232 8.48 -4.19 -21.51
C GLY C 232 9.68 -3.84 -22.34
N ILE C 233 9.62 -2.70 -23.02
CA ILE C 233 10.80 -2.13 -23.67
C ILE C 233 11.17 -0.81 -22.98
N GLY C 234 12.44 -0.40 -23.12
CA GLY C 234 12.96 0.77 -22.43
C GLY C 234 12.24 2.06 -22.79
N GLU C 235 11.78 2.16 -24.03
CA GLU C 235 11.01 3.34 -24.43
C GLU C 235 9.75 3.53 -23.62
N GLU C 236 9.16 2.44 -23.13
CA GLU C 236 7.96 2.56 -22.29
C GLU C 236 8.24 3.27 -20.97
N ILE C 237 9.40 2.99 -20.34
CA ILE C 237 9.85 3.77 -19.20
C ILE C 237 10.11 5.23 -19.58
N ALA C 238 10.71 5.44 -20.74
CA ALA C 238 10.96 6.78 -21.26
C ALA C 238 9.68 7.60 -21.42
N PHE C 239 8.62 7.00 -21.95
CA PHE C 239 7.37 7.74 -22.13
C PHE C 239 6.80 8.19 -20.78
N ALA C 240 6.86 7.31 -19.80
CA ALA C 240 6.38 7.65 -18.47
C ALA C 240 7.22 8.76 -17.89
N THR C 241 8.51 8.75 -18.16
CA THR C 241 9.39 9.83 -17.69
C THR C 241 9.02 11.16 -18.34
N VAL C 242 8.74 11.15 -19.64
CA VAL C 242 8.25 12.35 -20.33
C VAL C 242 6.97 12.89 -19.72
N TYR C 243 6.00 12.03 -19.46
CA TYR C 243 4.78 12.47 -18.81
C TYR C 243 5.07 13.14 -17.46
N LEU C 244 5.87 12.48 -16.63
CA LEU C 244 6.14 12.99 -15.29
C LEU C 244 6.93 14.29 -15.34
N ALA C 245 7.81 14.41 -16.33
CA ALA C 245 8.64 15.61 -16.51
C ALA C 245 7.85 16.82 -17.02
N SER C 246 6.72 16.57 -17.66
CA SER C 246 5.97 17.62 -18.34
C SER C 246 5.29 18.61 -17.39
N ASP C 247 4.97 19.79 -17.93
CA ASP C 247 4.10 20.74 -17.24
C ASP C 247 2.72 20.15 -16.88
N GLU C 248 2.23 19.26 -17.74
CA GLU C 248 0.95 18.55 -17.55
C GLU C 248 0.88 17.56 -16.37
N ALA C 249 1.98 17.29 -15.68
CA ALA C 249 1.97 16.46 -14.50
C ALA C 249 2.35 17.30 -13.26
N ALA C 250 1.97 18.57 -13.27
CA ALA C 250 2.34 19.50 -12.19
C ALA C 250 1.67 19.22 -10.83
N TYR C 251 0.51 18.59 -10.84
CA TYR C 251 -0.20 18.28 -9.58
C TYR C 251 0.01 16.84 -9.09
N LEU C 252 0.84 16.08 -9.82
CA LEU C 252 1.14 14.67 -9.53
C LEU C 252 2.52 14.63 -8.88
N THR C 253 2.55 14.32 -7.59
CA THR C 253 3.81 14.22 -6.86
C THR C 253 3.73 13.16 -5.78
N GLY C 254 4.90 12.63 -5.43
CA GLY C 254 5.00 11.60 -4.41
C GLY C 254 4.46 10.24 -4.84
N GLN C 255 4.37 10.03 -6.15
CA GLN C 255 3.78 8.80 -6.69
C GLN C 255 4.85 7.88 -7.26
N THR C 256 4.51 6.59 -7.36
CA THR C 256 5.33 5.60 -8.02
C THR C 256 4.53 5.00 -9.15
N LEU C 257 5.05 5.12 -10.37
CA LEU C 257 4.46 4.46 -11.51
C LEU C 257 5.09 3.05 -11.63
N HIS C 258 4.28 2.01 -11.43
CA HIS C 258 4.70 0.64 -11.59
C HIS C 258 4.41 0.15 -13.00
N ILE C 259 5.44 0.10 -13.82
CA ILE C 259 5.29 -0.21 -15.23
C ILE C 259 5.85 -1.61 -15.48
N ASN C 260 5.00 -2.60 -15.34
CA ASN C 260 5.47 -3.98 -15.21
C ASN C 260 4.50 -5.02 -15.74
N GLY C 261 3.58 -4.60 -16.59
CA GLY C 261 2.60 -5.52 -17.17
C GLY C 261 1.71 -6.22 -16.16
N GLY C 262 1.54 -5.64 -14.97
CA GLY C 262 0.60 -6.15 -13.98
C GLY C 262 1.18 -7.07 -12.92
N MET C 263 2.50 -7.12 -12.82
CA MET C 263 3.15 -7.98 -11.82
C MET C 263 2.78 -7.63 -10.38
N ALA C 264 2.45 -8.65 -9.59
CA ALA C 264 2.01 -8.48 -8.19
C ALA C 264 3.13 -7.99 -7.26
N SER D 21 2.37 12.03 -33.19
CA SER D 21 3.62 12.31 -32.42
C SER D 21 3.72 11.50 -31.11
N MET D 22 3.46 12.12 -29.95
CA MET D 22 3.54 11.42 -28.66
C MET D 22 2.29 11.62 -27.81
N PHE D 23 1.72 10.51 -27.36
CA PHE D 23 0.50 10.51 -26.56
C PHE D 23 -0.73 10.97 -27.37
N LYS D 24 -0.68 10.84 -28.69
CA LYS D 24 -1.84 11.15 -29.52
C LYS D 24 -2.81 9.99 -29.47
N LEU D 25 -4.08 10.30 -29.64
CA LEU D 25 -5.15 9.31 -29.56
C LEU D 25 -5.91 9.26 -30.88
N THR D 26 -5.20 9.54 -31.98
CA THR D 26 -5.80 9.68 -33.30
C THR D 26 -6.60 8.46 -33.74
N GLY D 27 -7.88 8.66 -34.02
CA GLY D 27 -8.77 7.59 -34.47
C GLY D 27 -9.28 6.63 -33.41
N ARG D 28 -8.85 6.80 -32.15
CA ARG D 28 -9.37 5.95 -31.07
C ARG D 28 -10.73 6.45 -30.64
N LYS D 29 -11.64 5.53 -30.39
CA LYS D 29 -12.97 5.90 -29.93
C LYS D 29 -13.09 5.80 -28.40
N ALA D 30 -13.42 6.93 -27.79
CA ALA D 30 -13.49 7.04 -26.35
C ALA D 30 -14.90 7.45 -25.94
N LEU D 31 -15.45 6.76 -24.94
CA LEU D 31 -16.70 7.14 -24.31
C LEU D 31 -16.37 7.69 -22.94
N VAL D 32 -16.81 8.91 -22.66
CA VAL D 32 -16.56 9.58 -21.39
C VAL D 32 -17.90 9.85 -20.71
N THR D 33 -18.06 9.34 -19.49
CA THR D 33 -19.29 9.57 -18.74
C THR D 33 -19.16 10.81 -17.88
N GLY D 34 -20.30 11.39 -17.52
CA GLY D 34 -20.30 12.61 -16.71
C GLY D 34 -19.58 13.74 -17.41
N ALA D 35 -19.70 13.79 -18.74
CA ALA D 35 -18.95 14.72 -19.59
C ALA D 35 -19.52 16.14 -19.60
N THR D 36 -20.44 16.43 -18.68
CA THR D 36 -21.23 17.64 -18.72
C THR D 36 -20.51 18.86 -18.15
N GLY D 37 -19.80 18.68 -17.05
CA GLY D 37 -19.01 19.76 -16.46
C GLY D 37 -17.77 19.20 -15.81
N GLY D 38 -16.96 20.09 -15.23
CA GLY D 38 -15.85 19.74 -14.35
C GLY D 38 -14.79 18.91 -15.03
N ILE D 39 -14.46 17.78 -14.41
CA ILE D 39 -13.40 16.92 -14.87
C ILE D 39 -13.78 16.21 -16.16
N GLY D 40 -15.01 15.69 -16.23
CA GLY D 40 -15.48 15.00 -17.42
C GLY D 40 -15.42 15.86 -18.67
N GLU D 41 -15.81 17.12 -18.55
CA GLU D 41 -15.73 18.05 -19.67
C GLU D 41 -14.28 18.23 -20.09
N ALA D 42 -13.40 18.47 -19.11
CA ALA D 42 -12.00 18.71 -19.39
C ALA D 42 -11.37 17.51 -20.07
N ILE D 43 -11.75 16.30 -19.62
CA ILE D 43 -11.29 15.05 -20.26
C ILE D 43 -11.74 15.02 -21.72
N ALA D 44 -13.03 15.28 -21.93
CA ALA D 44 -13.63 15.36 -23.26
C ALA D 44 -12.88 16.28 -24.22
N ARG D 45 -12.63 17.51 -23.80
CA ARG D 45 -11.88 18.48 -24.61
C ARG D 45 -10.49 17.99 -24.93
N CYS D 46 -9.78 17.55 -23.89
CA CYS D 46 -8.42 17.11 -24.03
C CYS D 46 -8.28 15.91 -24.97
N PHE D 47 -9.16 14.92 -24.82
CA PHE D 47 -9.18 13.76 -25.75
C PHE D 47 -9.34 14.25 -27.20
N HIS D 48 -10.24 15.20 -27.40
CA HIS D 48 -10.55 15.67 -28.75
C HIS D 48 -9.35 16.37 -29.35
N ALA D 49 -8.70 17.23 -28.56
CA ALA D 49 -7.48 17.93 -29.00
C ALA D 49 -6.37 16.94 -29.34
N GLN D 50 -6.40 15.74 -28.77
CA GLN D 50 -5.40 14.71 -29.11
C GLN D 50 -5.85 13.77 -30.24
N GLY D 51 -6.97 14.08 -30.88
CA GLY D 51 -7.41 13.37 -32.08
C GLY D 51 -8.32 12.16 -31.84
N ALA D 52 -8.85 12.02 -30.63
CA ALA D 52 -9.78 10.93 -30.36
C ALA D 52 -11.16 11.24 -30.95
N ILE D 53 -11.87 10.19 -31.32
CA ILE D 53 -13.30 10.29 -31.65
C ILE D 53 -14.03 10.16 -30.31
N VAL D 54 -14.70 11.23 -29.89
CA VAL D 54 -15.21 11.26 -28.52
C VAL D 54 -16.72 11.15 -28.47
N GLY D 55 -17.17 10.31 -27.54
CA GLY D 55 -18.57 10.16 -27.24
C GLY D 55 -18.79 10.71 -25.85
N LEU D 56 -19.69 11.67 -25.73
CA LEU D 56 -19.96 12.33 -24.47
C LEU D 56 -21.23 11.77 -23.87
N HIS D 57 -21.15 11.37 -22.61
CA HIS D 57 -22.35 11.00 -21.89
C HIS D 57 -22.65 11.99 -20.78
N GLY D 58 -23.93 12.25 -20.58
CA GLY D 58 -24.42 13.00 -19.43
C GLY D 58 -25.92 12.81 -19.31
N THR D 59 -26.53 13.53 -18.38
CA THR D 59 -28.00 13.54 -18.29
C THR D 59 -28.59 14.87 -18.78
N ARG D 60 -27.76 15.91 -18.86
CA ARG D 60 -28.17 17.21 -19.39
C ARG D 60 -27.89 17.32 -20.90
N GLU D 61 -28.86 16.94 -21.73
CA GLU D 61 -28.73 16.97 -23.20
C GLU D 61 -28.34 18.34 -23.75
N ASP D 62 -28.93 19.39 -23.20
CA ASP D 62 -28.63 20.78 -23.58
C ASP D 62 -27.17 21.17 -23.34
N LYS D 63 -26.61 20.74 -22.21
CA LYS D 63 -25.23 21.08 -21.85
C LYS D 63 -24.22 20.28 -22.68
N LEU D 64 -24.61 19.07 -23.05
CA LEU D 64 -23.77 18.20 -23.89
C LEU D 64 -23.61 18.78 -25.28
N LYS D 65 -24.74 19.00 -25.96
CA LYS D 65 -24.75 19.57 -27.30
C LYS D 65 -23.94 20.88 -27.39
N GLU D 66 -24.00 21.66 -26.32
CA GLU D 66 -23.17 22.85 -26.16
C GLU D 66 -21.68 22.52 -26.27
N ILE D 67 -21.25 21.46 -25.58
CA ILE D 67 -19.85 21.02 -25.63
C ILE D 67 -19.49 20.46 -27.02
N ALA D 68 -20.33 19.59 -27.57
CA ALA D 68 -20.12 19.05 -28.92
C ALA D 68 -20.04 20.16 -29.99
N ALA D 69 -20.82 21.23 -29.80
CA ALA D 69 -20.77 22.41 -30.67
C ALA D 69 -19.44 23.17 -30.54
N ASP D 70 -18.94 23.26 -29.32
CA ASP D 70 -17.66 23.92 -29.03
C ASP D 70 -16.50 23.22 -29.72
N LEU D 71 -16.53 21.88 -29.71
CA LEU D 71 -15.46 21.06 -30.30
C LEU D 71 -15.65 20.93 -31.80
N GLY D 72 -16.83 20.47 -32.22
CA GLY D 72 -17.19 20.38 -33.65
C GLY D 72 -17.37 18.94 -34.13
N LYS D 73 -16.42 18.47 -34.94
CA LYS D 73 -16.51 17.14 -35.58
C LYS D 73 -15.96 16.02 -34.69
N ASP D 74 -16.29 14.79 -35.07
CA ASP D 74 -15.89 13.58 -34.32
C ASP D 74 -16.39 13.57 -32.88
N VAL D 75 -17.59 14.10 -32.66
CA VAL D 75 -18.18 14.11 -31.33
C VAL D 75 -19.58 13.53 -31.36
N PHE D 76 -19.86 12.62 -30.44
CA PHE D 76 -21.19 12.05 -30.24
C PHE D 76 -21.70 12.40 -28.85
N VAL D 77 -23.02 12.55 -28.75
CA VAL D 77 -23.69 12.88 -27.50
C VAL D 77 -24.61 11.72 -27.16
N PHE D 78 -24.63 11.32 -25.89
CA PHE D 78 -25.52 10.24 -25.40
C PHE D 78 -26.12 10.62 -24.05
N SER D 79 -27.40 10.31 -23.87
CA SER D 79 -28.07 10.47 -22.57
C SER D 79 -28.35 9.11 -21.96
N ALA D 80 -28.19 9.02 -20.64
CA ALA D 80 -28.50 7.79 -19.91
C ALA D 80 -28.45 8.07 -18.42
N ASN D 81 -29.36 7.43 -17.67
CA ASN D 81 -29.33 7.50 -16.22
C ASN D 81 -28.51 6.35 -15.66
N LEU D 82 -27.26 6.64 -15.30
CA LEU D 82 -26.36 5.63 -14.74
C LEU D 82 -26.75 5.10 -13.36
N SER D 83 -27.88 5.53 -12.81
CA SER D 83 -28.40 4.92 -11.58
C SER D 83 -29.35 3.77 -11.89
N ASP D 84 -29.69 3.61 -13.17
CA ASP D 84 -30.59 2.56 -13.64
C ASP D 84 -29.79 1.56 -14.50
N ARG D 85 -29.88 0.28 -14.13
CA ARG D 85 -29.08 -0.77 -14.77
C ARG D 85 -29.42 -0.98 -16.25
N LYS D 86 -30.70 -1.18 -16.55
CA LYS D 86 -31.12 -1.29 -17.95
C LYS D 86 -30.66 -0.08 -18.78
N SER D 87 -30.64 1.10 -18.17
CA SER D 87 -30.19 2.30 -18.88
C SER D 87 -28.67 2.26 -19.13
N ILE D 88 -27.91 1.64 -18.25
CA ILE D 88 -26.46 1.52 -18.47
C ILE D 88 -26.17 0.59 -19.65
N LYS D 89 -26.91 -0.50 -19.71
CA LYS D 89 -26.77 -1.48 -20.79
C LYS D 89 -27.18 -0.88 -22.12
N GLN D 90 -28.24 -0.06 -22.12
CA GLN D 90 -28.69 0.64 -23.31
C GLN D 90 -27.61 1.61 -23.81
N LEU D 91 -26.99 2.35 -22.90
CA LEU D 91 -25.90 3.27 -23.26
C LEU D 91 -24.77 2.54 -23.99
N ALA D 92 -24.42 1.35 -23.49
CA ALA D 92 -23.29 0.59 -24.02
C ALA D 92 -23.58 0.14 -25.44
N GLU D 93 -24.74 -0.49 -25.60
CA GLU D 93 -25.16 -1.02 -26.89
C GLU D 93 -25.22 0.08 -27.96
N VAL D 94 -25.79 1.23 -27.59
CA VAL D 94 -25.96 2.35 -28.54
C VAL D 94 -24.65 3.10 -28.86
N ALA D 95 -23.82 3.37 -27.86
CA ALA D 95 -22.57 4.09 -28.10
C ALA D 95 -21.61 3.24 -28.93
N GLU D 96 -21.59 1.94 -28.66
CA GLU D 96 -20.76 1.01 -29.42
C GLU D 96 -21.15 0.94 -30.89
N ARG D 97 -22.45 0.91 -31.18
CA ARG D 97 -22.91 0.84 -32.57
C ARG D 97 -22.65 2.16 -33.31
N GLU D 98 -23.05 3.28 -32.71
CA GLU D 98 -22.95 4.58 -33.38
C GLU D 98 -21.51 5.07 -33.50
N MET D 99 -20.67 4.71 -32.52
CA MET D 99 -19.25 5.04 -32.61
C MET D 99 -18.45 3.97 -33.35
N GLU D 100 -19.06 2.81 -33.57
CA GLU D 100 -18.41 1.70 -34.29
C GLU D 100 -17.19 1.18 -33.55
N GLY D 101 -17.41 0.69 -32.33
CA GLY D 101 -16.36 0.09 -31.52
C GLY D 101 -15.70 1.10 -30.60
N ILE D 102 -15.74 0.81 -29.30
CA ILE D 102 -15.18 1.70 -28.30
C ILE D 102 -13.81 1.14 -27.83
N ASP D 103 -12.81 2.01 -27.88
CA ASP D 103 -11.44 1.66 -27.49
C ASP D 103 -11.11 2.05 -26.04
N ILE D 104 -11.63 3.20 -25.63
CA ILE D 104 -11.29 3.82 -24.35
C ILE D 104 -12.58 4.17 -23.63
N LEU D 105 -12.73 3.65 -22.41
CA LEU D 105 -13.85 3.98 -21.54
C LEU D 105 -13.30 4.73 -20.38
N VAL D 106 -13.89 5.90 -20.11
CA VAL D 106 -13.55 6.72 -18.96
C VAL D 106 -14.78 6.80 -18.06
N ASN D 107 -14.75 6.04 -16.96
CA ASN D 107 -15.85 6.08 -16.00
C ASN D 107 -15.64 7.24 -15.06
N ASN D 108 -16.41 8.30 -15.28
CA ASN D 108 -16.25 9.54 -14.56
C ASN D 108 -17.51 10.07 -13.91
N ALA D 109 -18.67 9.47 -14.20
CA ALA D 109 -19.90 9.90 -13.56
C ALA D 109 -19.85 9.47 -12.10
N GLY D 110 -20.40 10.31 -11.22
CA GLY D 110 -20.53 10.00 -9.81
C GLY D 110 -21.64 10.86 -9.23
N ILE D 111 -21.46 11.31 -7.98
CA ILE D 111 -22.42 12.26 -7.39
C ILE D 111 -21.90 13.69 -7.49
N ASP D 122 -28.75 4.93 4.88
CA ASP D 122 -29.01 3.65 4.22
C ASP D 122 -29.29 3.87 2.75
N GLN D 123 -30.27 4.72 2.48
CA GLN D 123 -30.52 5.26 1.15
C GLN D 123 -29.24 5.86 0.65
N ASP D 124 -28.59 6.61 1.51
CA ASP D 124 -27.37 7.30 1.17
C ASP D 124 -26.28 6.28 0.77
N TRP D 125 -26.09 5.27 1.62
CA TRP D 125 -25.13 4.21 1.36
C TRP D 125 -25.44 3.56 0.02
N ASP D 126 -26.68 3.08 -0.15
CA ASP D 126 -27.10 2.43 -1.39
C ASP D 126 -26.88 3.31 -2.63
N ASP D 127 -27.23 4.59 -2.55
CA ASP D 127 -27.08 5.50 -3.70
C ASP D 127 -25.63 5.68 -4.10
N VAL D 128 -24.77 5.93 -3.13
CA VAL D 128 -23.35 6.12 -3.42
C VAL D 128 -22.70 4.85 -3.99
N LEU D 129 -23.00 3.69 -3.42
CA LEU D 129 -22.45 2.45 -3.95
C LEU D 129 -22.98 2.22 -5.38
N ALA D 130 -24.27 2.48 -5.58
CA ALA D 130 -24.88 2.34 -6.90
C ALA D 130 -24.22 3.24 -7.92
N VAL D 131 -24.04 4.52 -7.58
CA VAL D 131 -23.60 5.46 -8.61
C VAL D 131 -22.07 5.50 -8.72
N ASN D 132 -21.37 5.38 -7.59
CA ASN D 132 -19.90 5.53 -7.57
C ASN D 132 -19.10 4.23 -7.80
N LEU D 133 -19.76 3.07 -7.74
CA LEU D 133 -19.09 1.79 -7.89
C LEU D 133 -19.81 0.88 -8.89
N THR D 134 -21.06 0.53 -8.61
CA THR D 134 -21.77 -0.44 -9.44
C THR D 134 -21.95 0.02 -10.89
N ALA D 135 -22.26 1.30 -11.10
CA ALA D 135 -22.43 1.83 -12.46
C ALA D 135 -21.18 1.66 -13.33
N ALA D 136 -20.02 2.02 -12.79
CA ALA D 136 -18.73 1.81 -13.47
C ALA D 136 -18.50 0.34 -13.81
N SER D 137 -18.78 -0.58 -12.88
CA SER D 137 -18.48 -1.99 -13.14
C SER D 137 -19.43 -2.61 -14.14
N THR D 138 -20.69 -2.17 -14.12
CA THR D 138 -21.69 -2.59 -15.10
C THR D 138 -21.29 -2.13 -16.51
N LEU D 139 -20.98 -0.85 -16.65
CA LEU D 139 -20.68 -0.28 -17.95
C LEU D 139 -19.38 -0.89 -18.45
N THR D 140 -18.39 -1.03 -17.57
CA THR D 140 -17.13 -1.70 -17.93
C THR D 140 -17.33 -3.13 -18.45
N ARG D 141 -18.14 -3.93 -17.77
CA ARG D 141 -18.34 -5.31 -18.20
C ARG D 141 -19.12 -5.46 -19.51
N GLU D 142 -19.91 -4.47 -19.86
CA GLU D 142 -20.59 -4.44 -21.16
C GLU D 142 -19.64 -4.21 -22.32
N LEU D 143 -18.65 -3.34 -22.14
CA LEU D 143 -17.77 -2.92 -23.23
C LEU D 143 -16.45 -3.69 -23.35
N ILE D 144 -16.07 -4.44 -22.31
CA ILE D 144 -14.79 -5.16 -22.33
C ILE D 144 -14.77 -6.32 -23.33
N HIS D 145 -15.92 -6.92 -23.65
CA HIS D 145 -15.95 -8.08 -24.56
C HIS D 145 -15.45 -7.77 -25.95
N SER D 146 -15.91 -6.65 -26.49
CA SER D 146 -15.44 -6.20 -27.77
C SER D 146 -13.95 -5.86 -27.71
N MET D 147 -13.52 -5.22 -26.62
CA MET D 147 -12.10 -4.92 -26.45
C MET D 147 -11.27 -6.19 -26.39
N MET D 148 -11.82 -7.22 -25.76
CA MET D 148 -11.13 -8.51 -25.59
C MET D 148 -11.00 -9.23 -26.92
N ARG D 149 -12.03 -9.12 -27.75
CA ARG D 149 -11.97 -9.62 -29.13
C ARG D 149 -10.89 -8.90 -29.92
N ARG D 150 -10.78 -7.59 -29.73
CA ARG D 150 -9.83 -6.80 -30.53
C ARG D 150 -8.44 -6.83 -29.94
N ARG D 151 -8.32 -7.38 -28.73
CA ARG D 151 -7.08 -7.36 -27.98
C ARG D 151 -6.52 -5.95 -27.92
N TYR D 152 -7.36 -5.03 -27.49
CA TYR D 152 -6.93 -3.67 -27.34
C TYR D 152 -7.97 -2.90 -26.56
N GLY D 153 -7.54 -2.22 -25.51
CA GLY D 153 -8.44 -1.33 -24.81
C GLY D 153 -7.82 -0.61 -23.66
N ARG D 154 -8.57 0.41 -23.22
CA ARG D 154 -8.22 1.20 -22.07
C ARG D 154 -9.50 1.43 -21.26
N ILE D 155 -9.43 1.06 -19.99
CA ILE D 155 -10.47 1.37 -19.03
C ILE D 155 -9.83 2.32 -18.02
N ILE D 156 -10.44 3.47 -17.80
CA ILE D 156 -9.92 4.45 -16.86
C ILE D 156 -11.04 4.91 -15.92
N ASN D 157 -10.87 4.66 -14.63
CA ASN D 157 -11.89 5.02 -13.64
C ASN D 157 -11.42 6.22 -12.88
N ILE D 158 -12.21 7.29 -12.89
CA ILE D 158 -11.92 8.49 -12.12
C ILE D 158 -12.71 8.37 -10.84
N THR D 159 -12.04 8.34 -9.69
CA THR D 159 -12.77 8.23 -8.43
C THR D 159 -13.27 9.61 -8.01
N SER D 160 -14.19 9.61 -7.04
CA SER D 160 -14.67 10.85 -6.41
C SER D 160 -13.50 11.54 -5.70
N ILE D 161 -13.64 12.84 -5.51
CA ILE D 161 -12.56 13.68 -4.97
C ILE D 161 -12.20 13.29 -3.53
N GLN D 170 -15.85 11.57 3.18
CA GLN D 170 -16.57 10.79 4.16
C GLN D 170 -16.82 9.32 3.79
N THR D 171 -17.38 8.56 4.74
CA THR D 171 -17.18 7.12 4.80
C THR D 171 -17.84 6.30 3.67
N ASN D 172 -19.04 6.69 3.25
CA ASN D 172 -19.70 6.05 2.10
C ASN D 172 -18.92 6.23 0.81
N TYR D 173 -18.43 7.43 0.58
CA TYR D 173 -17.63 7.71 -0.62
C TYR D 173 -16.30 6.94 -0.60
N CYS D 174 -15.70 6.84 0.58
CA CYS D 174 -14.43 6.13 0.73
C CYS D 174 -14.61 4.64 0.43
N ALA D 175 -15.72 4.08 0.87
CA ALA D 175 -16.01 2.68 0.63
C ALA D 175 -16.15 2.37 -0.86
N ALA D 176 -16.97 3.17 -1.55
CA ALA D 176 -17.20 3.01 -2.98
C ALA D 176 -15.93 3.25 -3.74
N LYS D 177 -15.20 4.30 -3.37
CA LYS D 177 -13.93 4.59 -4.02
C LYS D 177 -12.94 3.41 -3.85
N ALA D 178 -12.77 2.91 -2.62
CA ALA D 178 -11.82 1.81 -2.42
C ALA D 178 -12.29 0.54 -3.17
N GLY D 179 -13.60 0.34 -3.25
CA GLY D 179 -14.17 -0.79 -3.97
C GLY D 179 -13.92 -0.68 -5.46
N LEU D 180 -13.99 0.55 -5.99
CA LEU D 180 -13.76 0.75 -7.43
C LEU D 180 -12.30 0.42 -7.78
N ILE D 181 -11.39 0.83 -6.92
CA ILE D 181 -9.96 0.57 -7.09
C ILE D 181 -9.66 -0.93 -6.99
N GLY D 182 -10.32 -1.63 -6.06
CA GLY D 182 -10.15 -3.06 -5.95
C GLY D 182 -10.73 -3.78 -7.14
N PHE D 183 -11.90 -3.35 -7.59
CA PHE D 183 -12.47 -3.88 -8.82
C PHE D 183 -11.48 -3.70 -9.97
N SER D 184 -10.91 -2.50 -10.08
CA SER D 184 -10.01 -2.17 -11.16
C SER D 184 -8.75 -3.07 -11.20
N LYS D 185 -8.11 -3.24 -10.03
CA LYS D 185 -6.91 -4.06 -9.93
C LYS D 185 -7.17 -5.53 -10.26
N ALA D 186 -8.30 -6.06 -9.82
CA ALA D 186 -8.62 -7.44 -10.09
C ALA D 186 -8.97 -7.63 -11.58
N LEU D 187 -9.78 -6.75 -12.12
CA LEU D 187 -10.07 -6.76 -13.56
C LEU D 187 -8.78 -6.65 -14.37
N ALA D 188 -7.86 -5.76 -13.99
CA ALA D 188 -6.59 -5.63 -14.71
C ALA D 188 -5.89 -6.99 -14.85
N GLN D 189 -5.89 -7.78 -13.78
CA GLN D 189 -5.22 -9.09 -13.80
C GLN D 189 -5.92 -10.04 -14.75
N GLU D 190 -7.25 -9.95 -14.78
CA GLU D 190 -8.10 -10.84 -15.56
C GLU D 190 -7.87 -10.67 -17.06
N ILE D 191 -7.71 -9.42 -17.52
CA ILE D 191 -7.67 -9.13 -18.96
C ILE D 191 -6.31 -8.62 -19.50
N ALA D 192 -5.29 -8.64 -18.65
CA ALA D 192 -3.94 -8.15 -18.99
C ALA D 192 -3.39 -8.80 -20.25
N SER D 193 -3.61 -10.10 -20.41
CA SER D 193 -3.09 -10.80 -21.57
C SER D 193 -3.82 -10.43 -22.87
N ARG D 194 -4.91 -9.67 -22.78
CA ARG D 194 -5.65 -9.21 -23.95
C ARG D 194 -5.29 -7.78 -24.36
N ASN D 195 -4.19 -7.26 -23.82
CA ASN D 195 -3.73 -5.90 -24.15
C ASN D 195 -4.76 -4.85 -23.83
N ILE D 196 -5.53 -5.07 -22.76
CA ILE D 196 -6.44 -4.08 -22.21
C ILE D 196 -5.88 -3.62 -20.88
N THR D 197 -5.69 -2.32 -20.68
CA THR D 197 -5.29 -1.83 -19.36
C THR D 197 -6.47 -1.27 -18.59
N VAL D 198 -6.38 -1.37 -17.26
CA VAL D 198 -7.39 -0.90 -16.36
C VAL D 198 -6.70 -0.16 -15.22
N ASN D 199 -7.00 1.12 -15.11
CA ASN D 199 -6.29 2.00 -14.21
C ASN D 199 -7.29 2.96 -13.61
N CYS D 200 -6.95 3.53 -12.45
CA CYS D 200 -7.76 4.57 -11.84
C CYS D 200 -6.97 5.85 -11.66
N ILE D 201 -7.71 6.96 -11.59
CA ILE D 201 -7.17 8.24 -11.21
C ILE D 201 -7.96 8.70 -10.02
N ALA D 202 -7.25 9.05 -8.95
CA ALA D 202 -7.85 9.52 -7.72
C ALA D 202 -7.53 11.01 -7.52
N PRO D 203 -8.47 11.90 -7.87
CA PRO D 203 -8.16 13.32 -7.74
C PRO D 203 -8.23 13.85 -6.32
N GLY D 204 -7.38 14.82 -6.02
CA GLY D 204 -7.37 15.47 -4.73
C GLY D 204 -8.40 16.58 -4.78
N PHE D 205 -8.09 17.70 -4.13
CA PHE D 205 -9.00 18.83 -4.13
C PHE D 205 -8.87 19.57 -5.45
N ILE D 206 -9.92 19.52 -6.27
CA ILE D 206 -9.94 20.15 -7.58
C ILE D 206 -10.96 21.31 -7.61
N LYS D 207 -10.57 22.42 -8.21
CA LYS D 207 -11.43 23.63 -8.31
C LYS D 207 -12.69 23.42 -9.17
N MET D 225 -4.66 21.67 3.36
CA MET D 225 -3.81 20.57 3.81
C MET D 225 -3.16 19.84 2.63
N ILE D 226 -2.80 20.66 1.64
CA ILE D 226 -2.20 20.25 0.39
C ILE D 226 -0.79 20.84 0.41
N PRO D 227 0.25 20.01 0.55
CA PRO D 227 1.64 20.50 0.63
C PRO D 227 2.02 21.49 -0.49
N MET D 228 1.39 21.32 -1.65
CA MET D 228 1.59 22.20 -2.80
C MET D 228 0.93 23.57 -2.61
N LYS D 229 0.01 23.65 -1.64
CA LYS D 229 -0.64 24.90 -1.25
C LYS D 229 -1.48 25.49 -2.38
N ARG D 230 -2.07 24.61 -3.20
CA ARG D 230 -3.03 25.05 -4.22
C ARG D 230 -3.95 23.89 -4.56
N MET D 231 -5.13 24.23 -5.08
CA MET D 231 -6.06 23.21 -5.55
C MET D 231 -5.70 22.88 -6.98
N GLY D 232 -6.16 21.73 -7.45
CA GLY D 232 -5.92 21.33 -8.83
C GLY D 232 -7.01 21.86 -9.73
N ILE D 233 -6.80 21.77 -11.04
CA ILE D 233 -7.84 22.06 -12.02
C ILE D 233 -8.12 20.81 -12.83
N GLY D 234 -9.35 20.73 -13.33
CA GLY D 234 -9.83 19.58 -14.10
C GLY D 234 -8.97 19.15 -15.28
N GLU D 235 -8.27 20.09 -15.89
CA GLU D 235 -7.42 19.73 -17.02
C GLU D 235 -6.23 18.86 -16.57
N GLU D 236 -5.75 19.03 -15.34
CA GLU D 236 -4.63 18.23 -14.84
C GLU D 236 -5.04 16.75 -14.71
N ILE D 237 -6.28 16.52 -14.30
CA ILE D 237 -6.86 15.19 -14.36
C ILE D 237 -6.95 14.69 -15.81
N ALA D 238 -7.38 15.57 -16.72
CA ALA D 238 -7.51 15.23 -18.13
C ALA D 238 -6.19 14.78 -18.75
N PHE D 239 -5.11 15.49 -18.44
CA PHE D 239 -3.81 15.15 -19.03
C PHE D 239 -3.38 13.74 -18.63
N ALA D 240 -3.63 13.40 -17.37
CA ALA D 240 -3.32 12.09 -16.83
C ALA D 240 -4.14 11.01 -17.55
N THR D 241 -5.38 11.34 -17.85
CA THR D 241 -6.26 10.41 -18.52
C THR D 241 -5.77 10.18 -19.96
N VAL D 242 -5.26 11.23 -20.62
CA VAL D 242 -4.66 11.05 -21.93
C VAL D 242 -3.46 10.12 -21.85
N TYR D 243 -2.56 10.38 -20.90
CA TYR D 243 -1.39 9.49 -20.72
C TYR D 243 -1.83 8.01 -20.59
N LEU D 244 -2.71 7.73 -19.65
CA LEU D 244 -3.19 6.36 -19.43
C LEU D 244 -3.85 5.79 -20.68
N ALA D 245 -4.60 6.61 -21.39
CA ALA D 245 -5.29 6.13 -22.56
C ALA D 245 -4.36 5.84 -23.75
N SER D 246 -3.18 6.48 -23.78
CA SER D 246 -2.31 6.41 -24.95
C SER D 246 -1.65 5.04 -25.13
N ASP D 247 -1.15 4.77 -26.34
CA ASP D 247 -0.38 3.54 -26.61
C ASP D 247 0.90 3.47 -25.79
N GLU D 248 1.43 4.64 -25.41
CA GLU D 248 2.65 4.74 -24.67
C GLU D 248 2.54 4.12 -23.28
N ALA D 249 1.31 4.03 -22.75
CA ALA D 249 1.05 3.48 -21.43
C ALA D 249 0.53 2.04 -21.47
N ALA D 250 0.91 1.31 -22.53
CA ALA D 250 0.45 -0.07 -22.74
C ALA D 250 0.89 -1.04 -21.63
N TYR D 251 2.01 -0.76 -20.98
CA TYR D 251 2.56 -1.68 -19.97
C TYR D 251 2.19 -1.30 -18.56
N LEU D 252 1.33 -0.30 -18.42
CA LEU D 252 0.95 0.20 -17.11
C LEU D 252 -0.48 -0.22 -16.89
N THR D 253 -0.71 -1.04 -15.86
CA THR D 253 -2.05 -1.54 -15.58
C THR D 253 -2.17 -1.87 -14.12
N GLY D 254 -3.41 -1.88 -13.64
CA GLY D 254 -3.68 -2.16 -12.26
C GLY D 254 -3.24 -1.06 -11.33
N GLN D 255 -3.11 0.16 -11.84
CA GLN D 255 -2.55 1.25 -11.03
C GLN D 255 -3.56 2.34 -10.75
N THR D 256 -3.29 3.08 -9.68
CA THR D 256 -3.99 4.31 -9.32
C THR D 256 -3.00 5.47 -9.32
N LEU D 257 -3.27 6.48 -10.15
CA LEU D 257 -2.57 7.76 -10.06
C LEU D 257 -3.31 8.68 -9.13
N HIS D 258 -2.67 9.05 -8.04
CA HIS D 258 -3.22 9.99 -7.10
C HIS D 258 -2.74 11.36 -7.51
N ILE D 259 -3.67 12.21 -7.97
CA ILE D 259 -3.32 13.55 -8.44
C ILE D 259 -3.84 14.60 -7.46
N ASN D 260 -3.03 14.93 -6.45
CA ASN D 260 -3.55 15.61 -5.25
C ASN D 260 -2.62 16.59 -4.55
N GLY D 261 -1.50 16.95 -5.17
CA GLY D 261 -0.60 17.95 -4.61
C GLY D 261 0.21 17.47 -3.41
N GLY D 262 0.33 16.15 -3.25
CA GLY D 262 1.14 15.57 -2.20
C GLY D 262 0.40 15.17 -0.94
N MET D 263 -0.93 15.17 -0.99
CA MET D 263 -1.75 14.77 0.17
C MET D 263 -1.39 13.36 0.66
N ALA D 264 -1.57 13.16 1.97
CA ALA D 264 -1.18 11.91 2.65
C ALA D 264 -2.36 10.97 2.83
#